data_6X5S
#
_entry.id   6X5S
#
_cell.length_a   150.500
_cell.length_b   150.500
_cell.length_c   480.310
_cell.angle_alpha   90.00
_cell.angle_beta   90.00
_cell.angle_gamma   120.00
#
_symmetry.space_group_name_H-M   'P 65 2 2'
#
loop_
_entity.id
_entity.type
_entity.pdbx_description
1 polymer Alpha-(1,6)-fucosyltransferase
2 polymer "A3'-Asn"
3 branched 2-acetamido-2-deoxy-beta-D-glucopyranose-(1-2)-[2-acetamido-2-deoxy-beta-D-glucopyranose-(1-4)]alpha-D-mannopyranose-(1-3)-[2-acetamido-2-deoxy-beta-D-glucopyranose-(1-2)-alpha-D-mannopyranose-(1-6)]beta-D-mannopyranose-(1-4)-2-acetamido-2-deoxy-beta-D-glucopyranose-(1-4)-2-acetamido-2-deoxy-beta-D-glucopyranose
4 non-polymer 'CHLORIDE ION'
5 non-polymer GLYCEROL
6 non-polymer "GUANOSINE-5'-DIPHOSPHATE"
7 water water
#
loop_
_entity_poly.entity_id
_entity_poly.type
_entity_poly.pdbx_seq_one_letter_code
_entity_poly.pdbx_strand_id
1 'polypeptide(L)'
;LGKDHEILRRRIENGAKELWFFLQSELKKLKNLEGNELQRHADEFLLDLGHHERSIMTDLYYLSQTDGAGDWREKEAKDL
TELVQRRITYLQNPKDCSKAKKLVCNINKGCGYGCQLHHVVYCFMIAYGTQRTLILESQNWRYATGGWETVFRPVSETCT
DRSGISTGHWSGEVKDKNVQVVELPIVDSLHPRPPYLPLAVPEDLADRLVRVHGDPAVWWVSQFVKYLIRPQPWLEKEIE
EATKKLGFKHPVIGVHVRRTDKVGTEAAFHPIEEYMVHVEEHFQLLARRMQVDKKRVYLATDDPSLLKEAKTKYPNYEFI
SDNSISWSAGLHNRYTENSLRGVILDIHFLSQADFLVCTFSSQVCRVAYEIMQTLHPDASANFHSLDDIYYFGGQNAHNQ
IAIYAHQPRTADEIPMEPGDIIGVAGNHWDGYSKGVNRKLGRTGLYPSYKVREKIETVKYPTYPEA
;
A,B
2 'polypeptide(L)' ANK C,D
#
# COMPACT_ATOMS: atom_id res chain seq x y z
N LEU A 1 36.91 4.11 -44.94
CA LEU A 1 37.01 4.92 -43.72
C LEU A 1 36.54 6.35 -43.95
N GLY A 2 35.68 6.85 -43.05
CA GLY A 2 34.98 8.12 -43.27
C GLY A 2 35.78 9.31 -42.78
N LYS A 3 35.69 10.42 -43.53
CA LYS A 3 36.53 11.59 -43.23
C LYS A 3 36.02 12.40 -42.05
N ASP A 4 34.71 12.55 -41.88
CA ASP A 4 34.19 13.20 -40.68
C ASP A 4 34.43 12.36 -39.43
N HIS A 5 34.30 11.05 -39.56
CA HIS A 5 34.60 10.17 -38.44
C HIS A 5 36.01 10.42 -37.93
N GLU A 6 36.99 10.56 -38.83
CA GLU A 6 38.37 10.68 -38.41
C GLU A 6 38.67 12.07 -37.85
N ILE A 7 38.15 13.11 -38.50
CA ILE A 7 38.31 14.47 -37.99
C ILE A 7 37.71 14.59 -36.58
N LEU A 8 36.55 13.97 -36.37
CA LEU A 8 35.91 14.02 -35.06
C LEU A 8 36.72 13.27 -34.03
N ARG A 9 37.16 12.06 -34.36
CA ARG A 9 37.93 11.28 -33.40
C ARG A 9 39.18 12.04 -33.00
N ARG A 10 39.83 12.68 -33.97
CA ARG A 10 41.06 13.42 -33.68
C ARG A 10 40.78 14.66 -32.83
N ARG A 11 39.63 15.30 -33.01
CA ARG A 11 39.31 16.44 -32.15
C ARG A 11 38.90 16.00 -30.75
N ILE A 12 38.25 14.84 -30.61
CA ILE A 12 37.94 14.32 -29.28
C ILE A 12 39.22 13.95 -28.54
N GLU A 13 40.20 13.38 -29.24
CA GLU A 13 41.51 13.10 -28.63
C GLU A 13 42.18 14.39 -28.17
N ASN A 14 42.27 15.38 -29.05
CA ASN A 14 42.98 16.60 -28.71
C ASN A 14 42.25 17.39 -27.63
N GLY A 15 40.91 17.36 -27.64
CA GLY A 15 40.16 18.01 -26.59
C GLY A 15 40.50 17.49 -25.20
N ALA A 16 40.66 16.16 -25.07
CA ALA A 16 41.09 15.59 -23.79
C ALA A 16 42.53 15.97 -23.47
N LYS A 17 43.41 15.97 -24.49
CA LYS A 17 44.80 16.38 -24.28
C LYS A 17 44.86 17.80 -23.73
N GLU A 18 44.16 18.75 -24.37
CA GLU A 18 44.15 20.11 -23.86
C GLU A 18 43.43 20.19 -22.52
N LEU A 19 42.43 19.35 -22.29
CA LEU A 19 41.79 19.36 -20.99
C LEU A 19 42.76 18.90 -19.90
N TRP A 20 43.66 17.97 -20.22
CA TRP A 20 44.63 17.48 -19.24
C TRP A 20 45.75 18.48 -19.01
N PHE A 21 46.25 19.10 -20.09
CA PHE A 21 47.22 20.20 -19.97
C PHE A 21 46.69 21.27 -19.05
N PHE A 22 45.42 21.64 -19.28
CA PHE A 22 44.73 22.65 -18.50
C PHE A 22 44.54 22.21 -17.05
N LEU A 23 44.13 20.95 -16.84
CA LEU A 23 43.98 20.43 -15.49
C LEU A 23 45.25 20.57 -14.69
N GLN A 24 46.38 20.17 -15.28
CA GLN A 24 47.66 20.30 -14.59
C GLN A 24 48.00 21.75 -14.33
N SER A 25 47.78 22.62 -15.33
CA SER A 25 48.19 24.01 -15.22
C SER A 25 47.54 24.68 -14.01
N GLU A 26 46.23 24.54 -13.89
CA GLU A 26 45.42 25.28 -12.92
C GLU A 26 45.41 24.63 -11.55
N LEU A 27 45.56 23.32 -11.47
CA LEU A 27 45.71 22.70 -10.15
C LEU A 27 47.02 23.10 -9.51
N LYS A 28 48.11 23.16 -10.29
CA LYS A 28 49.39 23.61 -9.74
C LYS A 28 49.25 25.03 -9.20
N LYS A 29 48.44 25.85 -9.88
CA LYS A 29 48.19 27.21 -9.41
C LYS A 29 47.38 27.23 -8.12
N LEU A 30 46.40 26.34 -8.02
CA LEU A 30 45.50 26.35 -6.86
C LEU A 30 46.22 25.99 -5.58
N LYS A 31 47.23 25.12 -5.67
CA LYS A 31 47.95 24.65 -4.50
C LYS A 31 48.53 25.78 -3.66
N ASN A 32 48.76 26.94 -4.26
CA ASN A 32 49.44 28.07 -3.63
C ASN A 32 48.51 29.25 -3.40
N LEU A 33 47.22 28.99 -3.22
CA LEU A 33 46.21 30.02 -3.02
C LEU A 33 45.53 29.85 -1.67
N GLU A 34 44.84 30.89 -1.23
CA GLU A 34 44.23 30.89 0.08
C GLU A 34 42.94 31.68 0.08
N GLY A 35 41.94 31.17 0.80
CA GLY A 35 40.79 32.00 1.12
C GLY A 35 40.09 32.52 -0.11
N ASN A 36 39.84 33.83 -0.12
CA ASN A 36 38.98 34.41 -1.16
C ASN A 36 39.56 34.23 -2.55
N GLU A 37 40.88 34.28 -2.67
CA GLU A 37 41.52 34.11 -3.98
C GLU A 37 41.43 32.66 -4.46
N LEU A 38 41.56 31.71 -3.53
CA LEU A 38 41.38 30.30 -3.88
C LEU A 38 39.96 30.01 -4.35
N GLN A 39 38.95 30.58 -3.67
CA GLN A 39 37.56 30.30 -4.02
C GLN A 39 37.18 30.97 -5.34
N ARG A 40 37.48 32.26 -5.49
CA ARG A 40 37.30 32.91 -6.79
C ARG A 40 37.93 32.08 -7.90
N HIS A 41 39.19 31.67 -7.73
CA HIS A 41 39.90 31.03 -8.84
C HIS A 41 39.38 29.61 -9.07
N ALA A 42 39.09 28.86 -7.98
CA ALA A 42 38.55 27.51 -8.15
C ALA A 42 37.19 27.54 -8.83
N ASP A 43 36.39 28.58 -8.57
CA ASP A 43 35.09 28.71 -9.22
C ASP A 43 35.23 29.03 -10.70
N GLU A 44 36.16 29.93 -11.06
CA GLU A 44 36.40 30.19 -12.47
C GLU A 44 36.90 28.93 -13.18
N PHE A 45 37.84 28.21 -12.56
CA PHE A 45 38.29 26.92 -13.07
C PHE A 45 37.11 26.05 -13.49
N LEU A 46 36.15 25.85 -12.59
CA LEU A 46 35.00 24.98 -12.87
C LEU A 46 34.17 25.49 -14.04
N LEU A 47 33.95 26.80 -14.13
CA LEU A 47 33.25 27.37 -15.28
C LEU A 47 33.95 27.01 -16.58
N ASP A 48 35.27 27.23 -16.65
CA ASP A 48 36.03 26.94 -17.86
C ASP A 48 35.99 25.45 -18.17
N LEU A 49 36.24 24.61 -17.16
CA LEU A 49 36.16 23.16 -17.31
C LEU A 49 34.81 22.72 -17.84
N GLY A 50 33.73 23.31 -17.32
CA GLY A 50 32.41 22.95 -17.80
C GLY A 50 32.29 23.07 -19.31
N HIS A 51 32.67 24.24 -19.85
CA HIS A 51 32.58 24.45 -21.28
C HIS A 51 33.51 23.52 -22.04
N HIS A 52 34.71 23.31 -21.53
CA HIS A 52 35.59 22.31 -22.11
C HIS A 52 34.88 20.97 -22.20
N GLU A 53 34.40 20.46 -21.07
CA GLU A 53 33.75 19.16 -21.03
C GLU A 53 32.60 19.09 -22.03
N ARG A 54 31.78 20.13 -22.08
CA ARG A 54 30.63 20.12 -22.97
C ARG A 54 31.04 20.08 -24.43
N SER A 55 32.21 20.63 -24.77
CA SER A 55 32.68 20.56 -26.15
C SER A 55 33.14 19.14 -26.49
N ILE A 56 33.84 18.47 -25.57
CA ILE A 56 34.20 17.07 -25.83
C ILE A 56 32.93 16.25 -26.03
N MET A 57 31.97 16.41 -25.10
CA MET A 57 30.74 15.64 -25.15
C MET A 57 29.99 15.90 -26.43
N THR A 58 29.98 17.16 -26.89
CA THR A 58 29.28 17.48 -28.13
C THR A 58 29.93 16.78 -29.32
N ASP A 59 31.28 16.81 -29.39
CA ASP A 59 32.01 16.09 -30.44
C ASP A 59 31.75 14.59 -30.40
N LEU A 60 31.70 14.01 -29.21
CA LEU A 60 31.39 12.59 -29.14
C LEU A 60 30.00 12.30 -29.70
N TYR A 61 29.04 13.20 -29.44
CA TYR A 61 27.70 13.04 -29.99
C TYR A 61 27.70 13.07 -31.50
N TYR A 62 28.38 14.05 -32.09
CA TYR A 62 28.45 14.09 -33.53
C TYR A 62 29.07 12.81 -34.06
N LEU A 63 30.11 12.32 -33.40
CA LEU A 63 30.74 11.07 -33.80
C LEU A 63 29.73 9.93 -33.83
N SER A 64 28.79 9.94 -32.88
CA SER A 64 27.75 8.92 -32.82
C SER A 64 26.79 8.97 -34.00
N GLN A 65 26.72 10.09 -34.71
CA GLN A 65 25.79 10.22 -35.83
C GLN A 65 26.45 10.19 -37.19
N THR A 66 27.75 10.47 -37.27
CA THR A 66 28.41 10.58 -38.57
C THR A 66 28.51 9.21 -39.25
N ASP A 67 28.78 9.25 -40.56
CA ASP A 67 28.88 8.05 -41.39
C ASP A 67 27.60 7.22 -41.37
N GLY A 68 26.46 7.88 -41.25
CA GLY A 68 25.16 7.22 -41.26
C GLY A 68 24.96 6.30 -40.07
N ALA A 69 25.84 6.42 -39.09
CA ALA A 69 25.59 5.76 -37.82
C ALA A 69 24.25 6.19 -37.27
N GLY A 70 23.88 7.46 -37.47
CA GLY A 70 22.60 7.92 -37.01
C GLY A 70 21.46 7.18 -37.68
N ASP A 71 21.47 7.15 -39.02
CA ASP A 71 20.46 6.41 -39.77
C ASP A 71 20.43 4.94 -39.37
N TRP A 72 21.60 4.30 -39.31
CA TRP A 72 21.61 2.86 -39.06
C TRP A 72 21.05 2.53 -37.70
N ARG A 73 21.50 3.24 -36.66
CA ARG A 73 21.01 2.92 -35.33
C ARG A 73 19.51 3.04 -35.27
N GLU A 74 18.96 4.09 -35.88
CA GLU A 74 17.52 4.26 -35.88
C GLU A 74 16.86 3.10 -36.59
N LYS A 75 17.30 2.81 -37.81
CA LYS A 75 16.76 1.66 -38.54
C LYS A 75 16.84 0.40 -37.69
N GLU A 76 18.00 0.13 -37.10
CA GLU A 76 18.15 -1.11 -36.34
C GLU A 76 17.34 -1.09 -35.04
N ALA A 77 17.21 0.06 -34.41
CA ALA A 77 16.37 0.13 -33.23
C ALA A 77 14.92 -0.13 -33.59
N LYS A 78 14.46 0.39 -34.73
CA LYS A 78 13.09 0.17 -35.17
C LYS A 78 12.81 -1.31 -35.42
N ASP A 79 13.69 -1.98 -36.16
CA ASP A 79 13.51 -3.40 -36.47
C ASP A 79 13.45 -4.24 -35.19
N LEU A 80 14.33 -3.95 -34.23
CA LEU A 80 14.30 -4.72 -32.98
C LEU A 80 12.97 -4.53 -32.27
N THR A 81 12.51 -3.27 -32.14
CA THR A 81 11.28 -3.01 -31.39
C THR A 81 10.09 -3.66 -32.07
N GLU A 82 10.02 -3.56 -33.39
CA GLU A 82 8.94 -4.18 -34.13
C GLU A 82 8.94 -5.69 -33.93
N LEU A 83 10.13 -6.29 -33.88
CA LEU A 83 10.24 -7.74 -33.70
C LEU A 83 9.68 -8.16 -32.35
N VAL A 84 10.10 -7.50 -31.27
CA VAL A 84 9.64 -7.88 -29.94
C VAL A 84 8.16 -7.59 -29.80
N GLN A 85 7.70 -6.48 -30.35
CA GLN A 85 6.26 -6.19 -30.29
C GLN A 85 5.49 -7.24 -31.08
N ARG A 86 6.02 -7.69 -32.22
CA ARG A 86 5.35 -8.75 -32.98
C ARG A 86 5.28 -10.05 -32.19
N ARG A 87 6.35 -10.38 -31.45
CA ARG A 87 6.38 -11.58 -30.63
C ARG A 87 5.44 -11.47 -29.44
N ILE A 88 5.44 -10.30 -28.77
CA ILE A 88 4.54 -10.11 -27.64
C ILE A 88 3.09 -10.26 -28.07
N THR A 89 2.72 -9.59 -29.17
CA THR A 89 1.36 -9.67 -29.69
C THR A 89 0.98 -11.10 -30.06
N TYR A 90 1.86 -11.77 -30.83
CA TYR A 90 1.61 -13.17 -31.19
C TYR A 90 1.25 -13.98 -29.96
N LEU A 91 2.02 -13.81 -28.89
CA LEU A 91 1.81 -14.51 -27.63
C LEU A 91 0.48 -14.14 -26.99
N GLN A 92 0.12 -12.86 -27.04
CA GLN A 92 -1.05 -12.36 -26.32
C GLN A 92 -2.37 -12.73 -26.97
N ASN A 93 -2.38 -13.26 -28.19
CA ASN A 93 -3.63 -13.49 -28.93
C ASN A 93 -3.65 -14.89 -29.47
N PRO A 94 -3.79 -15.88 -28.60
CA PRO A 94 -3.91 -17.27 -29.08
C PRO A 94 -5.17 -17.45 -29.89
N LYS A 95 -5.13 -18.42 -30.80
CA LYS A 95 -6.33 -18.73 -31.57
C LYS A 95 -7.40 -19.33 -30.68
N ASP A 96 -7.04 -20.37 -29.94
CA ASP A 96 -7.94 -21.04 -29.03
C ASP A 96 -7.62 -20.52 -27.63
N CYS A 97 -8.52 -19.67 -27.11
CA CYS A 97 -8.29 -19.11 -25.78
C CYS A 97 -8.69 -20.07 -24.67
N SER A 98 -9.67 -20.94 -24.92
CA SER A 98 -10.03 -21.90 -23.87
C SER A 98 -8.94 -22.92 -23.61
N LYS A 99 -8.06 -23.17 -24.60
CA LYS A 99 -7.01 -24.18 -24.54
C LYS A 99 -5.62 -23.58 -24.42
N ALA A 100 -5.51 -22.31 -24.09
CA ALA A 100 -4.22 -21.64 -24.03
C ALA A 100 -3.62 -21.71 -22.62
N LYS A 101 -2.29 -21.77 -22.56
CA LYS A 101 -1.62 -21.61 -21.28
C LYS A 101 -1.67 -20.13 -20.88
N LYS A 102 -1.82 -19.89 -19.57
CA LYS A 102 -2.08 -18.55 -19.08
C LYS A 102 -1.31 -18.25 -17.79
N LEU A 103 -0.95 -16.97 -17.64
CA LEU A 103 -0.36 -16.47 -16.41
C LEU A 103 -1.22 -15.32 -15.90
N VAL A 104 -1.81 -15.48 -14.72
CA VAL A 104 -2.81 -14.54 -14.18
C VAL A 104 -2.11 -13.57 -13.23
N CYS A 105 -2.14 -12.28 -13.57
CA CYS A 105 -1.50 -11.25 -12.78
C CYS A 105 -2.56 -10.31 -12.25
N ASN A 106 -2.44 -9.92 -10.98
CA ASN A 106 -3.44 -9.07 -10.33
C ASN A 106 -2.87 -7.69 -10.03
N ILE A 107 -3.51 -6.65 -10.56
CA ILE A 107 -2.91 -5.32 -10.62
C ILE A 107 -2.88 -4.62 -9.26
N ASN A 108 -3.50 -5.18 -8.24
CA ASN A 108 -3.74 -4.40 -7.02
C ASN A 108 -2.61 -4.48 -6.00
N LYS A 109 -1.37 -4.26 -6.42
CA LYS A 109 -0.27 -4.25 -5.46
C LYS A 109 -0.42 -3.03 -4.56
N GLY A 110 -0.17 -3.20 -3.26
CA GLY A 110 -0.40 -2.11 -2.33
C GLY A 110 0.59 -0.97 -2.43
N CYS A 111 0.52 -0.24 -3.53
CA CYS A 111 1.45 0.84 -3.75
C CYS A 111 0.85 1.76 -4.81
N GLY A 112 1.71 2.56 -5.45
CA GLY A 112 1.26 3.57 -6.40
C GLY A 112 1.24 3.09 -7.83
N TYR A 113 0.98 4.05 -8.72
CA TYR A 113 0.73 3.72 -10.12
C TYR A 113 1.95 3.08 -10.77
N GLY A 114 3.12 3.69 -10.61
CA GLY A 114 4.33 3.16 -11.24
C GLY A 114 4.76 1.85 -10.61
N CYS A 115 4.63 1.75 -9.30
CA CYS A 115 4.92 0.49 -8.66
C CYS A 115 4.00 -0.62 -9.18
N GLN A 116 2.73 -0.29 -9.45
CA GLN A 116 1.80 -1.28 -9.98
C GLN A 116 2.03 -1.56 -11.47
N LEU A 117 2.21 -0.51 -12.28
CA LEU A 117 2.60 -0.72 -13.67
C LEU A 117 3.79 -1.66 -13.76
N HIS A 118 4.78 -1.46 -12.88
CA HIS A 118 5.97 -2.29 -12.88
C HIS A 118 5.66 -3.71 -12.45
N HIS A 119 4.72 -3.90 -11.52
CA HIS A 119 4.27 -5.24 -11.21
C HIS A 119 3.66 -5.91 -12.42
N VAL A 120 2.89 -5.16 -13.21
CA VAL A 120 2.35 -5.80 -14.41
C VAL A 120 3.47 -6.07 -15.43
N VAL A 121 4.48 -5.21 -15.50
CA VAL A 121 5.61 -5.50 -16.39
C VAL A 121 6.32 -6.78 -15.94
N TYR A 122 6.60 -6.88 -14.64
CA TYR A 122 7.29 -8.05 -14.13
C TYR A 122 6.50 -9.32 -14.40
N CYS A 123 5.18 -9.27 -14.21
CA CYS A 123 4.31 -10.38 -14.62
C CYS A 123 4.46 -10.66 -16.09
N PHE A 124 4.39 -9.61 -16.90
CA PHE A 124 4.40 -9.77 -18.36
C PHE A 124 5.68 -10.45 -18.83
N MET A 125 6.83 -10.05 -18.28
CA MET A 125 8.09 -10.65 -18.69
C MET A 125 8.09 -12.15 -18.42
N ILE A 126 7.66 -12.55 -17.22
CA ILE A 126 7.55 -13.97 -16.88
C ILE A 126 6.56 -14.70 -17.77
N ALA A 127 5.45 -14.06 -18.13
CA ALA A 127 4.54 -14.71 -19.06
C ALA A 127 5.23 -14.92 -20.41
N TYR A 128 5.98 -13.93 -20.87
CA TYR A 128 6.74 -14.06 -22.10
C TYR A 128 7.79 -15.17 -21.98
N GLY A 129 8.41 -15.28 -20.80
CA GLY A 129 9.42 -16.32 -20.61
C GLY A 129 8.84 -17.71 -20.58
N THR A 130 7.64 -17.85 -20.02
CA THR A 130 6.97 -19.14 -19.88
C THR A 130 6.02 -19.45 -21.02
N GLN A 131 5.87 -18.55 -21.99
CA GLN A 131 4.99 -18.76 -23.15
C GLN A 131 3.52 -18.89 -22.75
N ARG A 132 3.12 -18.13 -21.73
CA ARG A 132 1.75 -18.11 -21.24
C ARG A 132 1.10 -16.76 -21.56
N THR A 133 -0.14 -16.78 -22.03
CA THR A 133 -0.83 -15.53 -22.33
C THR A 133 -1.16 -14.80 -21.05
N LEU A 134 -0.91 -13.49 -21.05
CA LEU A 134 -1.07 -12.70 -19.83
C LEU A 134 -2.54 -12.37 -19.59
N ILE A 135 -3.03 -12.75 -18.43
CA ILE A 135 -4.37 -12.43 -18.00
C ILE A 135 -4.24 -11.44 -16.87
N LEU A 136 -4.49 -10.17 -17.15
CA LEU A 136 -4.39 -9.12 -16.14
C LEU A 136 -5.78 -8.90 -15.56
N GLU A 137 -5.92 -9.22 -14.28
CA GLU A 137 -7.13 -8.92 -13.53
C GLU A 137 -6.98 -7.54 -12.92
N SER A 138 -7.92 -6.64 -13.22
CA SER A 138 -7.78 -5.25 -12.80
C SER A 138 -9.02 -4.68 -12.12
N GLN A 139 -10.05 -5.50 -11.87
CA GLN A 139 -11.20 -4.98 -11.15
C GLN A 139 -10.79 -4.43 -9.80
N ASN A 140 -11.41 -3.31 -9.44
CA ASN A 140 -11.18 -2.53 -8.22
C ASN A 140 -9.80 -1.90 -8.15
N TRP A 141 -9.03 -1.85 -9.24
CA TRP A 141 -7.83 -1.03 -9.30
C TRP A 141 -8.04 0.28 -8.55
N ARG A 142 -7.27 0.50 -7.48
CA ARG A 142 -7.58 1.60 -6.55
C ARG A 142 -7.63 2.95 -7.26
N TYR A 143 -6.90 3.10 -8.38
CA TYR A 143 -6.84 4.34 -9.14
C TYR A 143 -8.03 4.53 -10.04
N ALA A 144 -8.68 3.44 -10.44
CA ALA A 144 -9.80 3.51 -11.37
C ALA A 144 -10.50 2.15 -11.27
N THR A 145 -11.40 2.03 -10.31
CA THR A 145 -12.00 0.73 -10.00
C THR A 145 -12.76 0.11 -11.17
N GLY A 146 -12.95 0.83 -12.28
CA GLY A 146 -13.50 0.21 -13.46
C GLY A 146 -12.62 -0.89 -14.02
N GLY A 147 -11.30 -0.72 -13.93
CA GLY A 147 -10.31 -1.66 -14.38
C GLY A 147 -9.27 -1.01 -15.27
N TRP A 148 -8.42 -1.87 -15.82
CA TRP A 148 -7.33 -1.44 -16.68
C TRP A 148 -7.87 -0.80 -17.95
N GLU A 149 -8.97 -1.34 -18.48
CA GLU A 149 -9.44 -0.79 -19.73
C GLU A 149 -10.02 0.61 -19.58
N THR A 150 -10.06 1.15 -18.36
CA THR A 150 -10.51 2.52 -18.20
C THR A 150 -9.62 3.50 -18.96
N VAL A 151 -8.32 3.22 -19.06
CA VAL A 151 -7.37 4.12 -19.73
C VAL A 151 -6.60 3.44 -20.86
N PHE A 152 -6.31 2.13 -20.73
CA PHE A 152 -5.44 1.43 -21.65
C PHE A 152 -6.18 0.32 -22.37
N ARG A 153 -5.76 0.09 -23.61
CA ARG A 153 -6.21 -1.06 -24.36
C ARG A 153 -5.98 -2.34 -23.55
N PRO A 154 -6.92 -3.30 -23.61
CA PRO A 154 -6.71 -4.56 -22.91
C PRO A 154 -5.53 -5.33 -23.50
N VAL A 155 -4.84 -6.08 -22.63
CA VAL A 155 -3.57 -6.72 -22.97
C VAL A 155 -3.71 -7.80 -24.03
N SER A 156 -4.93 -8.13 -24.44
CA SER A 156 -5.20 -9.15 -25.45
C SER A 156 -6.51 -8.84 -26.16
N GLU A 157 -6.57 -9.17 -27.47
CA GLU A 157 -7.83 -9.09 -28.18
C GLU A 157 -8.63 -10.38 -28.09
N THR A 158 -7.94 -11.51 -28.14
CA THR A 158 -8.63 -12.79 -28.22
C THR A 158 -8.75 -13.53 -26.88
N CYS A 159 -7.84 -13.29 -25.93
CA CYS A 159 -7.80 -14.06 -24.69
C CYS A 159 -7.78 -13.15 -23.46
N THR A 160 -8.99 -12.92 -22.92
CA THR A 160 -9.16 -12.14 -21.70
C THR A 160 -9.80 -12.96 -20.59
N ASP A 161 -10.15 -14.21 -20.84
CA ASP A 161 -10.85 -15.05 -19.89
C ASP A 161 -9.86 -16.00 -19.22
N ARG A 162 -9.91 -16.08 -17.89
CA ARG A 162 -8.89 -16.79 -17.12
C ARG A 162 -9.20 -18.27 -16.88
N SER A 163 -10.04 -18.90 -17.70
CA SER A 163 -10.53 -20.24 -17.40
C SER A 163 -9.71 -21.33 -18.09
N GLY A 164 -9.72 -22.50 -17.48
CA GLY A 164 -8.96 -23.61 -18.02
C GLY A 164 -9.16 -24.85 -17.17
N ILE A 165 -8.71 -25.97 -17.73
CA ILE A 165 -8.95 -27.29 -17.14
C ILE A 165 -8.12 -27.57 -15.89
N SER A 166 -7.09 -26.76 -15.62
CA SER A 166 -6.31 -26.85 -14.39
C SER A 166 -5.73 -25.47 -14.10
N THR A 167 -5.91 -24.99 -12.86
CA THR A 167 -5.40 -23.70 -12.40
C THR A 167 -4.64 -23.86 -11.09
N GLY A 168 -3.55 -23.14 -10.92
CA GLY A 168 -2.83 -23.26 -9.66
C GLY A 168 -1.99 -22.05 -9.36
N HIS A 169 -1.72 -21.85 -8.06
CA HIS A 169 -0.80 -20.80 -7.65
C HIS A 169 0.63 -21.28 -8.04
N TRP A 170 1.48 -20.36 -8.51
CA TRP A 170 2.79 -20.67 -9.11
C TRP A 170 3.69 -21.53 -8.21
N SER A 171 4.45 -22.45 -8.82
CA SER A 171 5.40 -23.21 -8.02
C SER A 171 6.68 -23.58 -8.77
N GLY A 172 6.98 -22.90 -9.87
CA GLY A 172 8.12 -23.27 -10.68
C GLY A 172 7.73 -23.62 -12.09
N GLU A 173 8.60 -23.28 -13.06
CA GLU A 173 8.30 -23.56 -14.45
C GLU A 173 8.28 -25.05 -14.71
N VAL A 174 9.14 -25.78 -14.01
CA VAL A 174 9.25 -27.23 -14.18
C VAL A 174 8.02 -27.90 -13.59
N LYS A 175 7.62 -27.50 -12.39
CA LYS A 175 6.48 -28.16 -11.74
C LYS A 175 5.17 -27.83 -12.45
N ASP A 176 5.06 -26.64 -13.02
CA ASP A 176 3.81 -26.16 -13.61
C ASP A 176 3.64 -26.53 -15.07
N LYS A 177 4.49 -27.40 -15.64
CA LYS A 177 4.45 -27.59 -17.10
C LYS A 177 3.07 -28.01 -17.60
N ASN A 178 2.21 -28.59 -16.74
CA ASN A 178 0.92 -29.04 -17.23
C ASN A 178 -0.24 -28.43 -16.46
N VAL A 179 0.01 -27.33 -15.76
CA VAL A 179 -1.05 -26.50 -15.21
C VAL A 179 -1.39 -25.46 -16.27
N GLN A 180 -2.67 -25.41 -16.68
CA GLN A 180 -3.01 -24.50 -17.77
C GLN A 180 -2.95 -23.04 -17.34
N VAL A 181 -3.49 -22.72 -16.16
CA VAL A 181 -3.60 -21.35 -15.67
C VAL A 181 -2.82 -21.21 -14.37
N VAL A 182 -1.86 -20.30 -14.33
CA VAL A 182 -1.01 -20.12 -13.17
C VAL A 182 -1.20 -18.71 -12.61
N GLU A 183 -1.52 -18.63 -11.31
CA GLU A 183 -1.69 -17.35 -10.61
C GLU A 183 -0.34 -16.91 -10.07
N LEU A 184 0.13 -15.71 -10.48
CA LEU A 184 1.48 -15.24 -10.13
C LEU A 184 1.47 -14.21 -9.02
N PRO A 185 2.27 -14.39 -7.97
CA PRO A 185 2.31 -13.41 -6.89
C PRO A 185 3.25 -12.26 -7.23
N ILE A 186 3.27 -11.26 -6.35
CA ILE A 186 4.14 -10.11 -6.54
C ILE A 186 5.59 -10.56 -6.37
N VAL A 187 6.50 -9.87 -7.06
CA VAL A 187 7.90 -10.27 -7.06
C VAL A 187 8.44 -10.34 -5.64
N ASP A 188 7.89 -9.53 -4.73
CA ASP A 188 8.35 -9.49 -3.34
C ASP A 188 8.23 -10.83 -2.63
N SER A 189 7.35 -11.74 -3.09
CA SER A 189 7.22 -13.04 -2.45
C SER A 189 7.22 -14.20 -3.46
N LEU A 190 7.82 -13.99 -4.62
CA LEU A 190 7.86 -15.02 -5.64
C LEU A 190 8.84 -16.13 -5.24
N HIS A 191 8.38 -17.38 -5.30
CA HIS A 191 9.27 -18.51 -5.00
C HIS A 191 8.77 -19.78 -5.69
N PRO A 192 9.60 -20.41 -6.56
CA PRO A 192 10.96 -20.02 -6.93
C PRO A 192 11.02 -18.91 -7.98
N ARG A 193 12.20 -18.25 -8.09
CA ARG A 193 12.26 -17.19 -9.10
C ARG A 193 12.71 -17.76 -10.42
N PRO A 194 12.00 -17.51 -11.51
CA PRO A 194 12.44 -17.98 -12.82
C PRO A 194 13.53 -17.08 -13.37
N PRO A 195 14.20 -17.51 -14.44
CA PRO A 195 15.24 -16.67 -15.04
C PRO A 195 14.73 -15.43 -15.74
N TYR A 196 13.42 -15.31 -15.96
CA TYR A 196 12.87 -14.30 -16.86
C TYR A 196 12.63 -12.96 -16.15
N LEU A 197 13.64 -12.46 -15.48
CA LEU A 197 13.57 -11.22 -14.73
C LEU A 197 14.64 -10.23 -15.22
N PRO A 198 14.47 -8.96 -14.91
CA PRO A 198 15.55 -7.99 -15.15
C PRO A 198 16.70 -8.24 -14.17
N LEU A 199 17.90 -7.80 -14.55
CA LEU A 199 18.15 -6.98 -15.73
C LEU A 199 18.69 -7.79 -16.89
N ALA A 200 18.35 -9.07 -16.92
CA ALA A 200 18.84 -9.91 -17.99
C ALA A 200 18.02 -9.68 -19.24
N VAL A 201 18.70 -9.66 -20.39
CA VAL A 201 18.02 -9.51 -21.68
C VAL A 201 18.00 -10.84 -22.42
N PRO A 202 17.15 -11.00 -23.44
CA PRO A 202 17.10 -12.29 -24.13
C PRO A 202 18.40 -12.58 -24.85
N GLU A 203 18.88 -13.82 -24.67
CA GLU A 203 20.08 -14.31 -25.33
C GLU A 203 20.06 -14.01 -26.81
N ASP A 204 18.91 -14.17 -27.46
CA ASP A 204 18.83 -14.09 -28.92
C ASP A 204 18.86 -12.66 -29.44
N LEU A 205 18.48 -11.68 -28.65
CA LEU A 205 18.59 -10.30 -29.08
C LEU A 205 19.87 -9.65 -28.63
N ALA A 206 20.64 -10.31 -27.77
CA ALA A 206 21.65 -9.59 -26.98
C ALA A 206 22.70 -8.95 -27.87
N ASP A 207 23.22 -9.69 -28.86
CA ASP A 207 24.26 -9.12 -29.72
C ASP A 207 23.77 -7.88 -30.45
N ARG A 208 22.56 -7.95 -31.01
CA ARG A 208 22.01 -6.79 -31.73
C ARG A 208 21.79 -5.62 -30.79
N LEU A 209 21.34 -5.91 -29.56
CA LEU A 209 21.08 -4.86 -28.57
C LEU A 209 22.34 -4.10 -28.20
N VAL A 210 23.46 -4.81 -28.01
CA VAL A 210 24.67 -4.11 -27.58
C VAL A 210 25.15 -3.17 -28.67
N ARG A 211 25.06 -3.57 -29.94
CA ARG A 211 25.43 -2.69 -31.04
C ARG A 211 24.68 -1.35 -30.99
N VAL A 212 23.45 -1.36 -30.50
CA VAL A 212 22.53 -0.22 -30.62
C VAL A 212 22.39 0.56 -29.32
N HIS A 213 22.13 -0.14 -28.21
CA HIS A 213 21.64 0.48 -27.00
C HIS A 213 22.67 0.48 -25.87
N GLY A 214 22.70 1.56 -25.09
CA GLY A 214 23.67 1.63 -24.03
C GLY A 214 23.30 0.90 -22.76
N ASP A 215 22.04 0.49 -22.62
CA ASP A 215 21.59 -0.24 -21.44
C ASP A 215 20.52 -1.22 -21.88
N PRO A 216 20.92 -2.34 -22.47
CA PRO A 216 19.91 -3.28 -22.98
C PRO A 216 18.93 -3.75 -21.92
N ALA A 217 19.27 -3.65 -20.64
CA ALA A 217 18.31 -3.96 -19.59
C ALA A 217 17.09 -3.08 -19.67
N VAL A 218 17.28 -1.76 -19.67
CA VAL A 218 16.13 -0.86 -19.72
C VAL A 218 15.39 -1.04 -21.03
N TRP A 219 16.12 -1.26 -22.12
CA TRP A 219 15.44 -1.44 -23.39
C TRP A 219 14.47 -2.61 -23.35
N TRP A 220 14.91 -3.74 -22.76
CA TRP A 220 14.05 -4.91 -22.70
C TRP A 220 12.83 -4.65 -21.83
N VAL A 221 13.03 -4.00 -20.69
CA VAL A 221 11.89 -3.68 -19.83
C VAL A 221 10.92 -2.78 -20.59
N SER A 222 11.46 -1.80 -21.30
CA SER A 222 10.62 -0.83 -21.98
C SER A 222 9.73 -1.50 -23.02
N GLN A 223 10.16 -2.62 -23.58
CA GLN A 223 9.34 -3.30 -24.57
C GLN A 223 7.99 -3.70 -24.00
N PHE A 224 7.94 -4.07 -22.73
CA PHE A 224 6.66 -4.46 -22.12
C PHE A 224 5.90 -3.25 -21.66
N VAL A 225 6.59 -2.24 -21.15
CA VAL A 225 5.93 -0.97 -20.85
C VAL A 225 5.22 -0.45 -22.08
N LYS A 226 5.90 -0.48 -23.22
CA LYS A 226 5.31 0.01 -24.48
C LYS A 226 4.00 -0.69 -24.78
N TYR A 227 4.04 -2.03 -24.87
CA TYR A 227 2.84 -2.76 -25.21
C TYR A 227 1.74 -2.52 -24.19
N LEU A 228 2.09 -2.39 -22.92
CA LEU A 228 1.05 -2.32 -21.90
C LEU A 228 0.23 -1.05 -22.04
N ILE A 229 0.91 0.09 -22.21
CA ILE A 229 0.27 1.39 -22.08
C ILE A 229 -0.26 1.87 -23.42
N ARG A 230 -0.40 0.95 -24.39
CA ARG A 230 -1.18 1.25 -25.58
C ARG A 230 -2.51 1.87 -25.16
N PRO A 231 -2.82 3.09 -25.58
CA PRO A 231 -3.89 3.84 -24.94
C PRO A 231 -5.23 3.67 -25.65
N GLN A 232 -6.28 3.87 -24.87
CA GLN A 232 -7.65 3.84 -25.39
C GLN A 232 -7.87 5.05 -26.30
N PRO A 233 -8.86 4.98 -27.21
CA PRO A 233 -9.07 6.11 -28.13
C PRO A 233 -9.23 7.45 -27.44
N TRP A 234 -10.07 7.50 -26.40
CA TRP A 234 -10.29 8.76 -25.68
C TRP A 234 -9.05 9.27 -24.98
N LEU A 235 -8.21 8.37 -24.46
CA LEU A 235 -6.98 8.80 -23.78
C LEU A 235 -5.99 9.39 -24.78
N GLU A 236 -5.85 8.76 -25.94
CA GLU A 236 -4.99 9.31 -26.97
C GLU A 236 -5.43 10.73 -27.32
N LYS A 237 -6.74 10.97 -27.39
CA LYS A 237 -7.24 12.32 -27.64
C LYS A 237 -6.93 13.25 -26.47
N GLU A 238 -7.07 12.76 -25.23
CA GLU A 238 -6.81 13.63 -24.08
C GLU A 238 -5.36 14.06 -24.07
N ILE A 239 -4.47 13.14 -24.40
CA ILE A 239 -3.04 13.45 -24.39
C ILE A 239 -2.72 14.43 -25.52
N GLU A 240 -3.17 14.11 -26.72
CA GLU A 240 -2.93 15.00 -27.86
C GLU A 240 -3.47 16.40 -27.59
N GLU A 241 -4.70 16.51 -27.05
CA GLU A 241 -5.28 17.81 -26.76
C GLU A 241 -4.51 18.54 -25.67
N ALA A 242 -4.16 17.84 -24.59
CA ALA A 242 -3.35 18.46 -23.54
C ALA A 242 -1.98 18.88 -24.05
N THR A 243 -1.42 18.15 -25.00
CA THR A 243 -0.18 18.62 -25.60
C THR A 243 -0.37 20.02 -26.16
N LYS A 244 -1.52 20.27 -26.82
CA LYS A 244 -1.77 21.59 -27.42
C LYS A 244 -1.96 22.67 -26.36
N LYS A 245 -2.77 22.40 -25.33
CA LYS A 245 -3.09 23.43 -24.35
C LYS A 245 -1.84 23.84 -23.58
N LEU A 246 -1.06 22.86 -23.11
CA LEU A 246 0.25 23.13 -22.56
C LEU A 246 1.17 23.56 -23.69
N GLY A 247 2.16 24.37 -23.39
CA GLY A 247 2.95 24.78 -24.54
C GLY A 247 3.97 23.78 -25.06
N PHE A 248 3.66 22.46 -25.04
CA PHE A 248 4.70 21.42 -25.10
C PHE A 248 5.29 21.24 -26.49
N LYS A 249 6.48 21.82 -26.70
CA LYS A 249 7.25 21.66 -27.92
C LYS A 249 8.68 21.33 -27.54
N HIS A 250 9.28 20.37 -28.26
CA HIS A 250 10.71 20.14 -28.12
C HIS A 250 11.42 21.41 -28.65
N PRO A 251 12.57 21.81 -28.06
CA PRO A 251 13.42 21.30 -26.99
C PRO A 251 12.87 21.62 -25.63
N VAL A 252 12.68 20.56 -24.85
CA VAL A 252 12.14 20.63 -23.49
C VAL A 252 12.87 19.62 -22.65
N ILE A 253 13.19 19.98 -21.40
CA ILE A 253 13.82 19.06 -20.46
C ILE A 253 12.79 18.68 -19.42
N GLY A 254 12.55 17.38 -19.28
CA GLY A 254 11.58 16.92 -18.31
C GLY A 254 12.20 16.82 -16.92
N VAL A 255 11.45 17.27 -15.92
CA VAL A 255 11.88 17.27 -14.52
C VAL A 255 10.78 16.69 -13.64
N HIS A 256 11.15 15.77 -12.76
CA HIS A 256 10.20 15.18 -11.83
C HIS A 256 10.68 15.42 -10.40
N VAL A 257 10.05 16.37 -9.72
CA VAL A 257 10.34 16.64 -8.32
C VAL A 257 9.31 15.91 -7.46
N ARG A 258 9.72 14.77 -6.90
CA ARG A 258 8.85 13.95 -6.08
C ARG A 258 9.02 14.31 -4.61
N ARG A 259 7.93 14.72 -3.95
CA ARG A 259 8.01 15.04 -2.54
C ARG A 259 6.89 14.34 -1.78
N THR A 260 5.92 15.10 -1.24
CA THR A 260 4.86 14.56 -0.39
C THR A 260 5.36 13.40 0.47
N ASP A 261 4.72 12.22 0.34
CA ASP A 261 4.96 11.11 1.24
C ASP A 261 6.29 10.39 1.02
N LYS A 262 6.94 10.56 -0.14
CA LYS A 262 8.21 9.86 -0.38
C LYS A 262 9.33 10.31 0.56
N VAL A 263 9.29 11.58 1.00
CA VAL A 263 10.38 12.15 1.80
C VAL A 263 10.47 11.45 3.14
N GLY A 264 11.64 10.93 3.46
CA GLY A 264 11.82 10.31 4.75
C GLY A 264 11.72 8.82 4.66
N THR A 265 10.75 8.31 3.91
CA THR A 265 10.49 6.88 3.89
C THR A 265 11.29 6.11 2.84
N GLU A 266 11.20 6.53 1.57
CA GLU A 266 11.86 5.84 0.48
C GLU A 266 12.93 6.66 -0.24
N ALA A 267 12.98 7.97 0.00
CA ALA A 267 13.91 8.86 -0.68
C ALA A 267 14.03 10.14 0.14
N ALA A 268 14.99 10.97 -0.27
CA ALA A 268 15.31 12.24 0.38
C ALA A 268 14.48 13.37 -0.22
N PHE A 269 14.45 14.49 0.51
CA PHE A 269 13.94 15.73 -0.05
C PHE A 269 15.04 16.40 -0.86
N HIS A 270 14.74 16.87 -2.07
CA HIS A 270 15.74 17.58 -2.88
C HIS A 270 15.23 18.97 -3.25
N PRO A 271 16.02 20.02 -3.03
CA PRO A 271 15.60 21.37 -3.41
C PRO A 271 15.55 21.51 -4.92
N ILE A 272 14.78 22.50 -5.37
CA ILE A 272 14.65 22.69 -6.82
C ILE A 272 16.01 22.97 -7.47
N GLU A 273 16.93 23.63 -6.74
CA GLU A 273 18.21 23.96 -7.36
C GLU A 273 19.01 22.71 -7.67
N GLU A 274 18.89 21.67 -6.84
CA GLU A 274 19.61 20.42 -7.09
C GLU A 274 19.22 19.83 -8.43
N TYR A 275 17.98 20.03 -8.87
CA TYR A 275 17.58 19.56 -10.17
C TYR A 275 18.03 20.51 -11.26
N MET A 276 17.85 21.81 -11.02
CA MET A 276 17.99 22.79 -12.07
C MET A 276 19.42 22.99 -12.54
N VAL A 277 20.42 22.56 -11.76
CA VAL A 277 21.79 22.64 -12.25
C VAL A 277 21.99 21.70 -13.42
N HIS A 278 21.47 20.47 -13.32
CA HIS A 278 21.57 19.55 -14.44
C HIS A 278 20.75 20.06 -15.62
N VAL A 279 19.59 20.65 -15.34
CA VAL A 279 18.75 21.20 -16.42
C VAL A 279 19.53 22.27 -17.19
N GLU A 280 20.12 23.21 -16.48
CA GLU A 280 20.88 24.27 -17.13
C GLU A 280 22.13 23.70 -17.80
N GLU A 281 22.86 22.84 -17.08
CA GLU A 281 24.03 22.20 -17.64
C GLU A 281 23.70 21.46 -18.92
N HIS A 282 22.51 20.84 -18.99
CA HIS A 282 22.20 20.04 -20.16
C HIS A 282 21.45 20.82 -21.22
N PHE A 283 20.94 22.01 -20.90
CA PHE A 283 20.56 22.93 -21.96
C PHE A 283 21.79 23.51 -22.62
N GLN A 284 22.82 23.79 -21.83
CA GLN A 284 24.08 24.25 -22.38
C GLN A 284 24.66 23.23 -23.34
N LEU A 285 24.56 21.94 -22.99
CA LEU A 285 25.02 20.90 -23.88
C LEU A 285 24.23 20.95 -25.20
N LEU A 286 22.89 21.01 -25.10
CA LEU A 286 22.02 21.08 -26.28
C LEU A 286 22.32 22.28 -27.14
N ALA A 287 22.47 23.45 -26.53
CA ALA A 287 22.69 24.68 -27.28
C ALA A 287 23.95 24.62 -28.13
N ARG A 288 24.91 23.79 -27.74
CA ARG A 288 26.14 23.61 -28.50
C ARG A 288 25.89 22.91 -29.83
N ARG A 289 24.73 22.24 -29.96
CA ARG A 289 24.43 21.42 -31.13
C ARG A 289 23.19 21.87 -31.91
N MET A 290 22.32 22.70 -31.34
CA MET A 290 21.11 23.17 -32.00
C MET A 290 20.72 24.54 -31.44
N GLN A 291 19.70 25.14 -32.06
CA GLN A 291 19.17 26.43 -31.63
C GLN A 291 18.22 26.22 -30.46
N VAL A 292 18.41 26.98 -29.37
CA VAL A 292 17.52 26.89 -28.21
C VAL A 292 16.85 28.25 -28.03
N ASP A 293 15.59 28.37 -28.49
CA ASP A 293 14.90 29.66 -28.48
C ASP A 293 14.48 30.05 -27.07
N LYS A 294 13.76 29.18 -26.39
CA LYS A 294 13.43 29.36 -24.99
C LYS A 294 13.69 28.04 -24.28
N LYS A 295 14.13 28.15 -23.03
CA LYS A 295 14.45 26.98 -22.22
C LYS A 295 13.18 26.51 -21.52
N ARG A 296 12.57 25.44 -22.03
CA ARG A 296 11.32 24.89 -21.51
C ARG A 296 11.60 23.71 -20.60
N VAL A 297 11.10 23.78 -19.39
CA VAL A 297 11.16 22.66 -18.45
C VAL A 297 9.73 22.18 -18.29
N TYR A 298 9.49 20.91 -18.60
CA TYR A 298 8.23 20.32 -18.21
C TYR A 298 8.38 19.86 -16.77
N LEU A 299 7.55 20.39 -15.88
CA LEU A 299 7.69 20.16 -14.45
C LEU A 299 6.56 19.28 -13.93
N ALA A 300 6.87 18.00 -13.67
CA ALA A 300 5.93 17.08 -13.05
C ALA A 300 6.22 17.03 -11.56
N THR A 301 5.23 17.36 -10.74
CA THR A 301 5.48 17.32 -9.30
C THR A 301 4.20 17.07 -8.55
N ASP A 302 4.35 16.54 -7.34
CA ASP A 302 3.25 16.44 -6.38
C ASP A 302 3.28 17.53 -5.31
N ASP A 303 4.23 18.46 -5.40
CA ASP A 303 4.28 19.64 -4.55
C ASP A 303 3.63 20.78 -5.34
N PRO A 304 2.38 21.11 -5.09
CA PRO A 304 1.71 22.14 -5.90
C PRO A 304 2.30 23.52 -5.69
N SER A 305 3.01 23.72 -4.59
CA SER A 305 3.64 25.00 -4.32
C SER A 305 4.89 25.22 -5.14
N LEU A 306 5.37 24.17 -5.82
CA LEU A 306 6.69 24.25 -6.44
C LEU A 306 6.67 25.16 -7.65
N LEU A 307 5.59 25.08 -8.44
CA LEU A 307 5.54 25.82 -9.70
C LEU A 307 5.76 27.31 -9.48
N LYS A 308 5.02 27.94 -8.56
CA LYS A 308 5.26 29.36 -8.28
C LYS A 308 6.71 29.60 -7.86
N GLU A 309 7.25 28.74 -6.98
CA GLU A 309 8.62 28.88 -6.51
C GLU A 309 9.60 28.77 -7.67
N ALA A 310 9.42 27.77 -8.53
CA ALA A 310 10.36 27.58 -9.65
C ALA A 310 10.34 28.76 -10.61
N LYS A 311 9.15 29.28 -10.96
CA LYS A 311 9.05 30.39 -11.91
C LYS A 311 9.78 31.64 -11.42
N THR A 312 9.74 31.88 -10.10
CA THR A 312 10.39 33.07 -9.54
C THR A 312 11.90 32.90 -9.50
N LYS A 313 12.36 31.70 -9.14
CA LYS A 313 13.79 31.44 -9.05
C LYS A 313 14.44 31.32 -10.43
N TYR A 314 13.70 30.97 -11.47
CA TYR A 314 14.28 30.75 -12.80
C TYR A 314 13.51 31.53 -13.87
N PRO A 315 13.67 32.85 -13.90
CA PRO A 315 12.88 33.67 -14.83
C PRO A 315 13.28 33.54 -16.30
N ASN A 316 14.38 32.87 -16.63
CA ASN A 316 14.67 32.62 -18.03
C ASN A 316 13.98 31.38 -18.56
N TYR A 317 13.41 30.58 -17.68
CA TYR A 317 12.82 29.31 -18.06
C TYR A 317 11.32 29.48 -18.24
N GLU A 318 10.81 28.93 -19.35
CA GLU A 318 9.39 28.67 -19.50
C GLU A 318 9.06 27.35 -18.83
N PHE A 319 8.22 27.39 -17.81
CA PHE A 319 7.86 26.16 -17.10
C PHE A 319 6.50 25.68 -17.60
N ILE A 320 6.48 24.52 -18.24
CA ILE A 320 5.26 23.85 -18.67
C ILE A 320 4.84 22.88 -17.57
N SER A 321 3.69 23.12 -16.98
CA SER A 321 3.23 22.31 -15.87
C SER A 321 1.73 22.36 -15.89
N ASP A 322 1.08 21.37 -15.30
CA ASP A 322 -0.37 21.38 -15.12
C ASP A 322 -0.61 21.38 -13.62
N ASN A 323 -0.56 22.57 -13.01
CA ASN A 323 -0.55 22.63 -11.55
C ASN A 323 -1.76 21.93 -10.92
N SER A 324 -2.89 21.86 -11.64
CA SER A 324 -4.07 21.21 -11.07
C SER A 324 -3.87 19.71 -11.01
N ILE A 325 -3.15 19.12 -11.98
CA ILE A 325 -2.67 17.75 -11.87
C ILE A 325 -1.80 17.60 -10.63
N SER A 326 -0.90 18.57 -10.40
CA SER A 326 -0.06 18.54 -9.20
C SER A 326 -0.91 18.47 -7.93
N TRP A 327 -2.02 19.23 -7.91
CA TRP A 327 -2.94 19.14 -6.77
C TRP A 327 -3.59 17.79 -6.71
N SER A 328 -3.92 17.20 -7.87
CA SER A 328 -4.65 15.93 -7.87
C SER A 328 -3.82 14.80 -7.30
N ALA A 329 -2.49 14.95 -7.28
CA ALA A 329 -1.60 13.92 -6.75
C ALA A 329 -1.38 14.02 -5.25
N GLY A 330 -1.90 15.05 -4.60
CA GLY A 330 -1.88 15.08 -3.15
C GLY A 330 -2.63 13.88 -2.59
N LEU A 331 -2.26 13.48 -1.37
CA LEU A 331 -2.67 12.16 -0.91
C LEU A 331 -4.17 12.05 -0.65
N HIS A 332 -4.81 13.11 -0.21
CA HIS A 332 -6.25 13.09 0.07
C HIS A 332 -7.09 12.71 -1.15
N ASN A 333 -6.51 12.76 -2.35
CA ASN A 333 -7.22 12.52 -3.59
C ASN A 333 -6.31 11.76 -4.55
N ARG A 334 -5.43 10.91 -4.04
CA ARG A 334 -4.43 10.42 -4.96
C ARG A 334 -4.94 9.24 -5.77
N TYR A 335 -5.81 8.43 -5.19
CA TYR A 335 -6.19 7.17 -5.83
C TYR A 335 -7.60 7.34 -6.39
N THR A 336 -7.67 8.06 -7.50
CA THR A 336 -8.92 8.36 -8.20
C THR A 336 -8.62 8.41 -9.69
N GLU A 337 -9.65 8.20 -10.52
CA GLU A 337 -9.43 8.17 -11.97
C GLU A 337 -8.90 9.51 -12.43
N ASN A 338 -9.41 10.58 -11.85
CA ASN A 338 -8.96 11.91 -12.21
C ASN A 338 -7.46 12.07 -11.97
N SER A 339 -6.98 11.61 -10.81
CA SER A 339 -5.56 11.63 -10.53
C SER A 339 -4.80 10.66 -11.43
N LEU A 340 -5.33 9.45 -11.64
CA LEU A 340 -4.65 8.47 -12.49
C LEU A 340 -4.38 9.04 -13.88
N ARG A 341 -5.37 9.68 -14.49
CA ARG A 341 -5.16 10.30 -15.79
C ARG A 341 -4.14 11.43 -15.66
N GLY A 342 -4.13 12.11 -14.52
CA GLY A 342 -3.10 13.10 -14.27
C GLY A 342 -1.70 12.52 -14.33
N VAL A 343 -1.44 11.45 -13.58
CA VAL A 343 -0.08 10.91 -13.57
C VAL A 343 0.28 10.27 -14.90
N ILE A 344 -0.70 9.77 -15.64
CA ILE A 344 -0.39 9.19 -16.94
C ILE A 344 0.11 10.25 -17.91
N LEU A 345 -0.46 11.46 -17.85
CA LEU A 345 0.01 12.54 -18.72
C LEU A 345 1.35 13.09 -18.30
N ASP A 346 1.54 13.29 -16.98
CA ASP A 346 2.82 13.77 -16.48
C ASP A 346 3.95 12.83 -16.89
N ILE A 347 3.72 11.52 -16.74
CA ILE A 347 4.71 10.53 -17.15
C ILE A 347 4.91 10.57 -18.66
N HIS A 348 3.82 10.78 -19.41
CA HIS A 348 3.95 10.87 -20.85
C HIS A 348 4.89 11.99 -21.26
N PHE A 349 4.64 13.20 -20.76
CA PHE A 349 5.47 14.35 -21.13
C PHE A 349 6.88 14.22 -20.58
N LEU A 350 7.05 13.56 -19.44
CA LEU A 350 8.40 13.27 -18.99
C LEU A 350 9.09 12.41 -20.03
N SER A 351 8.49 11.29 -20.40
CA SER A 351 9.11 10.39 -21.38
C SER A 351 9.41 11.10 -22.70
N GLN A 352 8.64 12.12 -23.03
CA GLN A 352 8.76 12.75 -24.33
C GLN A 352 9.85 13.80 -24.41
N ALA A 353 10.32 14.30 -23.27
CA ALA A 353 11.30 15.36 -23.26
C ALA A 353 12.63 14.88 -23.84
N ASP A 354 13.47 15.85 -24.20
CA ASP A 354 14.78 15.52 -24.75
C ASP A 354 15.72 15.02 -23.64
N PHE A 355 15.48 15.39 -22.40
CA PHE A 355 16.36 14.93 -21.34
C PHE A 355 15.55 14.91 -20.06
N LEU A 356 15.93 14.02 -19.14
CA LEU A 356 15.18 13.78 -17.93
C LEU A 356 16.07 14.06 -16.73
N VAL A 357 15.55 14.83 -15.77
CA VAL A 357 16.23 15.02 -14.49
C VAL A 357 15.22 14.66 -13.41
N CYS A 358 15.63 13.81 -12.48
CA CYS A 358 14.69 13.36 -11.46
C CYS A 358 15.45 12.55 -10.44
N THR A 359 14.70 11.85 -9.60
CA THR A 359 15.19 10.82 -8.69
C THR A 359 14.69 9.47 -9.16
N PHE A 360 15.62 8.55 -9.43
CA PHE A 360 15.26 7.18 -9.81
C PHE A 360 14.76 6.36 -8.63
N SER A 361 14.72 6.96 -7.43
CA SER A 361 14.08 6.33 -6.30
C SER A 361 12.56 6.25 -6.48
N SER A 362 12.01 7.08 -7.37
CA SER A 362 10.59 7.11 -7.65
C SER A 362 10.23 6.20 -8.82
N GLN A 363 9.21 5.36 -8.63
CA GLN A 363 8.72 4.53 -9.74
C GLN A 363 8.16 5.39 -10.86
N VAL A 364 7.71 6.61 -10.52
CA VAL A 364 7.17 7.54 -11.52
C VAL A 364 8.23 7.92 -12.52
N CYS A 365 9.38 8.38 -12.04
CA CYS A 365 10.43 8.77 -12.97
C CYS A 365 10.94 7.59 -13.77
N ARG A 366 11.15 6.44 -13.10
CA ARG A 366 11.69 5.26 -13.77
C ARG A 366 10.86 4.87 -14.99
N VAL A 367 9.54 4.94 -14.85
CA VAL A 367 8.66 4.60 -15.96
C VAL A 367 8.85 5.60 -17.09
N ALA A 368 8.90 6.89 -16.76
CA ALA A 368 9.17 7.91 -17.78
C ALA A 368 10.41 7.55 -18.57
N TYR A 369 11.47 7.17 -17.85
CA TYR A 369 12.73 6.77 -18.46
C TYR A 369 12.56 5.50 -19.28
N GLU A 370 11.80 4.53 -18.77
CA GLU A 370 11.56 3.33 -19.54
C GLU A 370 10.83 3.66 -20.84
N ILE A 371 9.77 4.48 -20.76
CA ILE A 371 9.01 4.85 -21.97
C ILE A 371 9.91 5.59 -22.94
N MET A 372 10.81 6.42 -22.40
CA MET A 372 11.75 7.16 -23.24
C MET A 372 12.57 6.23 -24.13
N GLN A 373 12.92 5.04 -23.65
CA GLN A 373 13.72 4.12 -24.44
C GLN A 373 13.08 3.76 -25.78
N THR A 374 11.76 3.89 -25.87
CA THR A 374 11.05 3.47 -27.05
C THR A 374 10.90 4.58 -28.07
N LEU A 375 11.33 5.79 -27.75
CA LEU A 375 11.12 6.94 -28.63
C LEU A 375 12.39 7.39 -29.32
N HIS A 376 13.53 6.78 -29.03
CA HIS A 376 14.81 7.04 -29.67
C HIS A 376 15.57 5.73 -29.83
N PRO A 377 16.55 5.67 -30.72
CA PRO A 377 17.39 4.48 -30.84
C PRO A 377 18.09 4.11 -29.54
N ASP A 378 18.93 5.00 -29.01
CA ASP A 378 19.56 4.82 -27.70
C ASP A 378 19.36 6.08 -26.87
N ALA A 379 18.36 6.03 -26.00
CA ALA A 379 18.09 7.09 -25.03
C ALA A 379 18.49 6.66 -23.63
N SER A 380 19.46 5.74 -23.55
CA SER A 380 19.87 5.20 -22.25
C SER A 380 20.57 6.24 -21.38
N ALA A 381 21.25 7.20 -22.00
CA ALA A 381 22.01 8.20 -21.26
C ALA A 381 21.22 9.45 -20.93
N ASN A 382 19.95 9.55 -21.30
CA ASN A 382 19.31 10.85 -21.21
C ASN A 382 18.81 11.18 -19.83
N PHE A 383 19.67 11.07 -18.83
CA PHE A 383 19.28 11.57 -17.53
C PHE A 383 20.50 11.86 -16.69
N HIS A 384 20.38 12.87 -15.86
CA HIS A 384 21.28 13.14 -14.76
C HIS A 384 20.31 12.95 -13.57
N SER A 385 19.97 11.70 -13.19
CA SER A 385 19.23 11.37 -11.94
C SER A 385 20.03 11.73 -10.65
N LEU A 386 19.28 11.98 -9.58
CA LEU A 386 19.88 12.42 -8.32
C LEU A 386 20.23 11.39 -7.25
N ASP A 387 19.75 10.15 -7.33
CA ASP A 387 20.14 9.25 -6.24
C ASP A 387 20.42 7.84 -6.72
N ASP A 388 19.40 7.02 -6.86
CA ASP A 388 19.69 5.68 -7.35
C ASP A 388 20.01 5.71 -8.84
N ILE A 389 20.88 4.79 -9.23
CA ILE A 389 21.04 4.36 -10.62
C ILE A 389 19.74 3.69 -11.06
N TYR A 390 19.68 3.21 -12.29
CA TYR A 390 18.47 2.50 -12.68
C TYR A 390 18.40 1.16 -11.98
N TYR A 391 17.18 0.77 -11.63
CA TYR A 391 16.87 -0.57 -11.14
C TYR A 391 15.43 -0.93 -11.50
N PHE A 392 15.14 -2.23 -11.48
CA PHE A 392 13.77 -2.73 -11.64
C PHE A 392 13.43 -3.45 -10.35
N GLY A 393 12.53 -2.85 -9.56
CA GLY A 393 12.15 -3.38 -8.26
C GLY A 393 11.88 -4.85 -8.38
N GLY A 394 12.76 -5.67 -7.80
CA GLY A 394 12.66 -7.11 -7.87
C GLY A 394 13.76 -7.78 -8.68
N GLN A 395 14.62 -7.00 -9.33
CA GLN A 395 15.61 -7.52 -10.29
C GLN A 395 16.54 -8.52 -9.60
N ASN A 396 17.37 -9.16 -10.41
CA ASN A 396 18.40 -10.00 -9.83
C ASN A 396 19.59 -9.14 -9.41
N ALA A 397 20.64 -9.79 -8.93
CA ALA A 397 21.80 -9.03 -8.52
C ALA A 397 22.33 -8.20 -9.69
N HIS A 398 22.50 -6.90 -9.46
CA HIS A 398 23.15 -6.03 -10.44
C HIS A 398 24.66 -6.06 -10.22
N ASN A 399 25.38 -6.68 -11.17
CA ASN A 399 26.82 -6.88 -11.09
C ASN A 399 27.58 -6.06 -12.12
N GLN A 400 28.78 -5.63 -11.73
CA GLN A 400 29.78 -5.07 -12.61
C GLN A 400 31.02 -5.96 -12.59
N ILE A 401 31.89 -5.72 -13.56
CA ILE A 401 33.22 -6.32 -13.63
C ILE A 401 34.22 -5.18 -13.56
N ALA A 402 35.19 -5.28 -12.65
CA ALA A 402 36.26 -4.31 -12.62
C ALA A 402 37.14 -4.45 -13.86
N ILE A 403 37.47 -3.34 -14.50
CA ILE A 403 38.36 -3.40 -15.65
C ILE A 403 39.74 -2.83 -15.37
N TYR A 404 39.89 -1.92 -14.40
CA TYR A 404 41.18 -1.43 -13.95
C TYR A 404 41.30 -1.64 -12.46
N ALA A 405 42.47 -2.07 -12.02
CA ALA A 405 42.66 -2.32 -10.61
C ALA A 405 42.59 -1.02 -9.82
N HIS A 406 42.15 -1.13 -8.58
CA HIS A 406 42.08 0.01 -7.68
C HIS A 406 42.62 -0.39 -6.31
N GLN A 407 43.56 0.46 -5.75
CA GLN A 407 44.12 0.30 -4.42
C GLN A 407 43.47 1.30 -3.48
N PRO A 408 42.95 0.88 -2.32
CA PRO A 408 42.15 1.79 -1.49
C PRO A 408 43.01 2.88 -0.86
N ARG A 409 42.56 4.13 -1.03
CA ARG A 409 43.27 5.27 -0.46
C ARG A 409 42.90 5.48 1.00
N THR A 410 41.63 5.31 1.34
CA THR A 410 41.15 5.38 2.72
C THR A 410 40.54 4.04 3.10
N ALA A 411 39.98 3.95 4.31
CA ALA A 411 39.34 2.69 4.70
C ALA A 411 37.95 2.53 4.08
N ASP A 412 37.33 3.62 3.62
CA ASP A 412 36.00 3.58 3.05
C ASP A 412 35.97 3.09 1.61
N GLU A 413 37.13 2.85 1.02
CA GLU A 413 37.20 2.32 -0.33
C GLU A 413 37.51 0.82 -0.26
N ILE A 414 37.04 0.08 -1.27
CA ILE A 414 37.38 -1.34 -1.41
C ILE A 414 38.44 -1.49 -2.48
N PRO A 415 39.28 -2.50 -2.38
CA PRO A 415 40.21 -2.82 -3.45
C PRO A 415 39.52 -3.58 -4.58
N MET A 416 40.01 -3.36 -5.78
CA MET A 416 39.52 -4.08 -6.95
C MET A 416 40.69 -4.61 -7.76
N GLU A 417 40.49 -5.80 -8.34
CA GLU A 417 41.34 -6.41 -9.33
C GLU A 417 40.57 -6.61 -10.62
N PRO A 418 41.23 -6.45 -11.77
CA PRO A 418 40.51 -6.58 -13.04
C PRO A 418 39.94 -7.98 -13.17
N GLY A 419 38.64 -8.05 -13.44
CA GLY A 419 37.92 -9.28 -13.42
C GLY A 419 37.07 -9.47 -12.19
N ASP A 420 37.48 -8.89 -11.05
CA ASP A 420 36.68 -8.95 -9.84
C ASP A 420 35.25 -8.55 -10.15
N ILE A 421 34.31 -9.20 -9.47
CA ILE A 421 32.90 -8.93 -9.70
C ILE A 421 32.38 -8.10 -8.55
N ILE A 422 31.76 -6.97 -8.89
CA ILE A 422 31.29 -5.97 -7.93
C ILE A 422 29.78 -5.80 -8.13
N GLY A 423 29.01 -6.12 -7.09
CA GLY A 423 27.59 -5.77 -7.04
C GLY A 423 27.41 -4.34 -6.57
N VAL A 424 26.78 -3.51 -7.39
CA VAL A 424 26.74 -2.07 -7.15
C VAL A 424 25.50 -1.72 -6.34
N ALA A 425 25.70 -0.92 -5.29
CA ALA A 425 24.62 -0.33 -4.51
C ALA A 425 24.16 1.00 -5.07
N GLY A 426 25.07 1.71 -5.75
CA GLY A 426 24.67 2.94 -6.38
C GLY A 426 25.87 3.70 -6.88
N ASN A 427 25.58 4.78 -7.56
CA ASN A 427 26.58 5.72 -8.02
C ASN A 427 26.39 6.98 -7.20
N HIS A 428 27.49 7.55 -6.73
CA HIS A 428 27.37 8.75 -5.92
C HIS A 428 27.46 10.01 -6.75
N TRP A 429 27.60 9.89 -8.06
CA TRP A 429 27.67 11.02 -8.98
C TRP A 429 28.80 12.01 -8.64
N ASP A 430 29.79 11.54 -7.89
CA ASP A 430 30.97 12.32 -7.51
C ASP A 430 32.23 11.67 -8.03
N GLY A 431 32.10 10.71 -8.95
CA GLY A 431 33.21 9.94 -9.40
C GLY A 431 33.35 8.61 -8.71
N TYR A 432 32.62 8.38 -7.62
CA TYR A 432 32.68 7.10 -6.93
C TYR A 432 31.33 6.40 -6.95
N SER A 433 31.37 5.09 -6.79
CA SER A 433 30.18 4.28 -6.59
C SER A 433 30.38 3.47 -5.34
N LYS A 434 29.28 2.93 -4.84
CA LYS A 434 29.33 2.03 -3.69
C LYS A 434 28.88 0.66 -4.15
N GLY A 435 29.50 -0.35 -3.53
CA GLY A 435 29.26 -1.71 -3.94
C GLY A 435 30.09 -2.64 -3.09
N VAL A 436 29.93 -3.93 -3.34
CA VAL A 436 30.68 -4.95 -2.63
C VAL A 436 31.51 -5.70 -3.66
N ASN A 437 32.79 -5.88 -3.36
CA ASN A 437 33.64 -6.78 -4.13
C ASN A 437 33.30 -8.18 -3.64
N ARG A 438 32.60 -8.96 -4.46
CA ARG A 438 32.08 -10.22 -3.97
C ARG A 438 33.21 -11.16 -3.61
N LYS A 439 34.32 -11.09 -4.35
CA LYS A 439 35.48 -11.96 -4.11
C LYS A 439 35.96 -11.86 -2.66
N LEU A 440 36.10 -10.64 -2.14
CA LEU A 440 36.60 -10.44 -0.78
C LEU A 440 35.50 -10.10 0.22
N GLY A 441 34.25 -10.01 -0.21
CA GLY A 441 33.15 -9.64 0.66
C GLY A 441 33.43 -8.37 1.45
N ARG A 442 33.88 -7.34 0.76
CA ARG A 442 34.12 -6.04 1.35
C ARG A 442 33.28 -5.01 0.62
N THR A 443 32.67 -4.12 1.38
CA THR A 443 31.85 -3.08 0.83
C THR A 443 32.49 -1.72 1.05
N GLY A 444 32.47 -0.90 0.00
CA GLY A 444 32.99 0.45 0.10
C GLY A 444 32.91 1.15 -1.23
N LEU A 445 33.70 2.19 -1.39
CA LEU A 445 33.68 2.99 -2.59
C LEU A 445 34.76 2.55 -3.58
N TYR A 446 34.47 2.75 -4.86
CA TYR A 446 35.43 2.48 -5.92
C TYR A 446 35.24 3.53 -7.00
N PRO A 447 36.31 3.92 -7.68
CA PRO A 447 36.16 4.90 -8.76
C PRO A 447 35.25 4.36 -9.83
N SER A 448 34.23 5.16 -10.17
CA SER A 448 33.17 4.67 -11.05
C SER A 448 33.70 4.33 -12.42
N TYR A 449 34.78 4.98 -12.86
CA TYR A 449 35.24 4.70 -14.21
C TYR A 449 35.93 3.35 -14.32
N LYS A 450 36.22 2.68 -13.21
CA LYS A 450 37.04 1.48 -13.22
C LYS A 450 36.21 0.19 -13.35
N VAL A 451 34.91 0.30 -13.61
CA VAL A 451 34.06 -0.88 -13.74
C VAL A 451 33.32 -0.82 -15.06
N ARG A 452 32.82 -1.98 -15.43
CA ARG A 452 32.18 -2.20 -16.71
C ARG A 452 30.88 -2.90 -16.38
N GLU A 453 29.80 -2.52 -17.07
CA GLU A 453 28.50 -3.10 -16.76
C GLU A 453 28.44 -4.53 -17.26
N LYS A 454 28.00 -5.46 -16.41
CA LYS A 454 28.02 -6.86 -16.79
C LYS A 454 26.66 -7.23 -17.35
N ILE A 455 26.59 -7.39 -18.66
CA ILE A 455 25.32 -7.71 -19.31
C ILE A 455 25.01 -9.19 -19.12
N GLU A 456 23.84 -9.47 -18.54
CA GLU A 456 23.40 -10.84 -18.27
C GLU A 456 22.33 -11.22 -19.28
N THR A 457 22.38 -12.47 -19.77
CA THR A 457 21.40 -12.97 -20.73
C THR A 457 20.62 -14.17 -20.18
N VAL A 458 19.48 -14.43 -20.83
CA VAL A 458 18.58 -15.53 -20.49
C VAL A 458 18.09 -16.17 -21.78
N LYS A 459 18.02 -17.50 -21.81
CA LYS A 459 17.46 -18.21 -22.96
C LYS A 459 15.94 -18.07 -22.90
N TYR A 460 15.41 -16.99 -23.52
CA TYR A 460 13.97 -16.74 -23.67
C TYR A 460 13.45 -17.41 -24.92
N PRO A 461 12.15 -17.70 -24.97
CA PRO A 461 11.55 -18.18 -26.22
C PRO A 461 11.71 -17.12 -27.31
N THR A 462 11.64 -17.60 -28.55
CA THR A 462 11.85 -16.74 -29.70
C THR A 462 10.62 -16.61 -30.58
N TYR A 463 9.53 -17.29 -30.23
CA TYR A 463 8.23 -17.20 -30.91
C TYR A 463 8.44 -17.08 -32.43
N PRO A 464 9.12 -18.07 -33.05
CA PRO A 464 9.32 -18.01 -34.52
C PRO A 464 8.05 -17.90 -35.36
N GLU A 465 6.88 -18.24 -34.82
CA GLU A 465 5.66 -18.25 -35.62
C GLU A 465 5.16 -16.84 -35.94
N ALA A 466 5.73 -15.80 -35.34
CA ALA A 466 5.48 -14.48 -35.86
C ALA A 466 6.70 -13.99 -36.66
N LEU B 1 -5.93 -22.97 45.99
CA LEU B 1 -6.42 -23.43 44.69
C LEU B 1 -7.88 -23.94 44.70
N GLY B 2 -8.65 -23.52 43.70
CA GLY B 2 -10.11 -23.67 43.73
C GLY B 2 -10.65 -24.99 43.18
N LYS B 3 -11.71 -25.48 43.83
CA LYS B 3 -12.24 -26.80 43.52
C LYS B 3 -13.09 -26.81 42.25
N ASP B 4 -13.95 -25.80 42.08
CA ASP B 4 -14.70 -25.70 40.84
C ASP B 4 -13.78 -25.41 39.67
N HIS B 5 -12.74 -24.61 39.93
CA HIS B 5 -11.74 -24.35 38.90
C HIS B 5 -11.07 -25.64 38.43
N GLU B 6 -10.74 -26.53 39.36
CA GLU B 6 -10.03 -27.75 39.00
C GLU B 6 -10.95 -28.79 38.36
N ILE B 7 -12.18 -28.96 38.87
CA ILE B 7 -13.11 -29.87 38.19
C ILE B 7 -13.35 -29.42 36.76
N LEU B 8 -13.51 -28.11 36.57
CA LEU B 8 -13.77 -27.58 35.24
C LEU B 8 -12.57 -27.79 34.32
N ARG B 9 -11.37 -27.50 34.80
CA ARG B 9 -10.20 -27.68 33.96
C ARG B 9 -10.09 -29.11 33.47
N ARG B 10 -10.37 -30.07 34.35
CA ARG B 10 -10.23 -31.47 33.99
C ARG B 10 -11.29 -31.92 33.00
N ARG B 11 -12.50 -31.36 33.07
CA ARG B 11 -13.52 -31.74 32.11
C ARG B 11 -13.25 -31.16 30.73
N ILE B 12 -12.67 -29.96 30.66
CA ILE B 12 -12.25 -29.44 29.36
C ILE B 12 -11.16 -30.33 28.78
N GLU B 13 -10.24 -30.79 29.62
CA GLU B 13 -9.24 -31.76 29.18
C GLU B 13 -9.90 -33.06 28.75
N ASN B 14 -10.76 -33.61 29.60
CA ASN B 14 -11.39 -34.88 29.26
C ASN B 14 -12.36 -34.76 28.10
N GLY B 15 -13.15 -33.69 28.05
CA GLY B 15 -14.05 -33.49 26.93
C GLY B 15 -13.31 -33.43 25.61
N ALA B 16 -12.18 -32.70 25.57
CA ALA B 16 -11.34 -32.62 24.38
C ALA B 16 -10.70 -33.95 24.05
N LYS B 17 -10.30 -34.73 25.09
CA LYS B 17 -9.80 -36.08 24.88
C LYS B 17 -10.83 -36.96 24.21
N GLU B 18 -12.08 -36.94 24.69
CA GLU B 18 -13.10 -37.76 24.03
C GLU B 18 -13.39 -37.24 22.63
N LEU B 19 -13.33 -35.93 22.42
CA LEU B 19 -13.54 -35.41 21.07
C LEU B 19 -12.49 -35.95 20.10
N TRP B 20 -11.26 -36.17 20.56
CA TRP B 20 -10.25 -36.73 19.66
C TRP B 20 -10.50 -38.22 19.42
N PHE B 21 -10.90 -38.96 20.46
CA PHE B 21 -11.27 -40.37 20.28
C PHE B 21 -12.37 -40.51 19.25
N PHE B 22 -13.36 -39.63 19.34
CA PHE B 22 -14.48 -39.60 18.41
C PHE B 22 -14.02 -39.22 17.01
N LEU B 23 -13.20 -38.17 16.89
CA LEU B 23 -12.70 -37.73 15.58
C LEU B 23 -11.99 -38.87 14.85
N GLN B 24 -11.11 -39.57 15.56
CA GLN B 24 -10.40 -40.69 14.96
C GLN B 24 -11.37 -41.79 14.54
N SER B 25 -12.31 -42.16 15.43
CA SER B 25 -13.21 -43.28 15.16
C SER B 25 -14.06 -43.04 13.92
N GLU B 26 -14.73 -41.88 13.86
CA GLU B 26 -15.73 -41.63 12.83
C GLU B 26 -15.10 -41.23 11.51
N LEU B 27 -13.93 -40.60 11.55
CA LEU B 27 -13.22 -40.35 10.29
C LEU B 27 -12.80 -41.65 9.63
N LYS B 28 -12.31 -42.62 10.43
CA LYS B 28 -11.95 -43.90 9.86
C LYS B 28 -13.17 -44.58 9.25
N LYS B 29 -14.36 -44.36 9.84
CA LYS B 29 -15.59 -44.88 9.25
C LYS B 29 -15.90 -44.16 7.94
N LEU B 30 -15.69 -42.85 7.88
CA LEU B 30 -16.05 -42.07 6.69
C LEU B 30 -15.20 -42.49 5.50
N LYS B 31 -13.93 -42.82 5.74
CA LYS B 31 -13.03 -43.17 4.64
C LYS B 31 -13.57 -44.27 3.77
N ASN B 32 -14.51 -45.07 4.28
CA ASN B 32 -15.01 -46.26 3.60
C ASN B 32 -16.46 -46.11 3.11
N LEU B 33 -16.92 -44.89 2.90
CA LEU B 33 -18.30 -44.69 2.48
C LEU B 33 -18.35 -43.99 1.14
N GLU B 34 -19.53 -43.96 0.53
CA GLU B 34 -19.66 -43.39 -0.80
C GLU B 34 -20.97 -42.64 -0.94
N GLY B 35 -20.90 -41.49 -1.59
CA GLY B 35 -22.11 -40.83 -2.05
C GLY B 35 -23.06 -40.54 -0.92
N ASN B 36 -24.33 -40.95 -1.13
CA ASN B 36 -25.41 -40.56 -0.24
C ASN B 36 -25.20 -41.10 1.17
N GLU B 37 -24.65 -42.32 1.29
CA GLU B 37 -24.37 -42.86 2.62
C GLU B 37 -23.28 -42.07 3.31
N LEU B 38 -22.24 -41.68 2.55
CA LEU B 38 -21.20 -40.82 3.08
C LEU B 38 -21.77 -39.48 3.52
N GLN B 39 -22.69 -38.94 2.74
CA GLN B 39 -23.24 -37.63 3.08
C GLN B 39 -24.17 -37.73 4.29
N ARG B 40 -25.08 -38.71 4.31
CA ARG B 40 -25.88 -38.91 5.52
C ARG B 40 -24.99 -38.92 6.74
N HIS B 41 -23.93 -39.73 6.70
CA HIS B 41 -23.16 -39.93 7.91
C HIS B 41 -22.29 -38.71 8.22
N ALA B 42 -21.69 -38.10 7.20
CA ALA B 42 -20.86 -36.93 7.46
C ALA B 42 -21.68 -35.80 8.08
N ASP B 43 -22.92 -35.63 7.64
CA ASP B 43 -23.77 -34.57 8.19
C ASP B 43 -24.16 -34.88 9.62
N GLU B 44 -24.47 -36.14 9.93
CA GLU B 44 -24.74 -36.54 11.31
C GLU B 44 -23.51 -36.32 12.18
N PHE B 45 -22.34 -36.70 11.67
CA PHE B 45 -21.08 -36.41 12.35
C PHE B 45 -21.04 -34.96 12.81
N LEU B 46 -21.21 -34.04 11.86
CA LEU B 46 -21.10 -32.60 12.11
C LEU B 46 -22.09 -32.15 13.16
N LEU B 47 -23.30 -32.69 13.13
CA LEU B 47 -24.28 -32.38 14.17
C LEU B 47 -23.77 -32.74 15.54
N ASP B 48 -23.23 -33.97 15.69
CA ASP B 48 -22.73 -34.42 17.00
C ASP B 48 -21.55 -33.58 17.43
N LEU B 49 -20.61 -33.35 16.51
CA LEU B 49 -19.43 -32.53 16.77
C LEU B 49 -19.80 -31.14 17.26
N GLY B 50 -20.85 -30.56 16.70
CA GLY B 50 -21.27 -29.26 17.16
C GLY B 50 -21.56 -29.23 18.65
N HIS B 51 -22.40 -30.17 19.10
CA HIS B 51 -22.78 -30.17 20.50
C HIS B 51 -21.60 -30.50 21.41
N HIS B 52 -20.77 -31.45 20.99
CA HIS B 52 -19.52 -31.71 21.70
C HIS B 52 -18.73 -30.43 21.90
N GLU B 53 -18.44 -29.74 20.79
CA GLU B 53 -17.68 -28.50 20.86
C GLU B 53 -18.37 -27.46 21.74
N ARG B 54 -19.69 -27.30 21.59
CA ARG B 54 -20.38 -26.28 22.39
C ARG B 54 -20.33 -26.60 23.88
N SER B 55 -20.24 -27.89 24.23
CA SER B 55 -20.11 -28.24 25.64
C SER B 55 -18.74 -27.82 26.15
N ILE B 56 -17.69 -28.08 25.36
CA ILE B 56 -16.35 -27.62 25.74
C ILE B 56 -16.32 -26.11 25.91
N MET B 57 -16.92 -25.39 24.95
CA MET B 57 -16.92 -23.94 25.04
C MET B 57 -17.64 -23.49 26.30
N THR B 58 -18.73 -24.18 26.66
CA THR B 58 -19.51 -23.82 27.83
C THR B 58 -18.73 -24.00 29.13
N ASP B 59 -18.02 -25.12 29.26
CA ASP B 59 -17.14 -25.34 30.40
C ASP B 59 -16.03 -24.27 30.45
N LEU B 60 -15.50 -23.90 29.28
CA LEU B 60 -14.50 -22.82 29.21
C LEU B 60 -15.08 -21.49 29.65
N TYR B 61 -16.33 -21.23 29.31
CA TYR B 61 -16.96 -20.00 29.82
C TYR B 61 -17.03 -20.03 31.34
N TYR B 62 -17.48 -21.16 31.90
CA TYR B 62 -17.59 -21.30 33.35
C TYR B 62 -16.24 -21.15 34.04
N LEU B 63 -15.20 -21.80 33.47
CA LEU B 63 -13.85 -21.65 34.00
C LEU B 63 -13.44 -20.18 34.03
N SER B 64 -13.89 -19.43 33.03
CA SER B 64 -13.60 -18.01 32.96
C SER B 64 -14.17 -17.24 34.15
N GLN B 65 -15.13 -17.84 34.86
CA GLN B 65 -15.81 -17.15 35.94
C GLN B 65 -15.48 -17.66 37.32
N THR B 66 -14.99 -18.90 37.46
CA THR B 66 -14.85 -19.48 38.79
C THR B 66 -13.85 -18.72 39.64
N ASP B 67 -13.90 -18.99 40.94
CA ASP B 67 -13.00 -18.37 41.90
C ASP B 67 -13.07 -16.86 41.77
N GLY B 68 -14.27 -16.36 41.46
CA GLY B 68 -14.48 -14.93 41.39
C GLY B 68 -13.68 -14.24 40.32
N ALA B 69 -13.12 -14.99 39.37
CA ALA B 69 -12.47 -14.36 38.24
C ALA B 69 -13.42 -13.37 37.57
N GLY B 70 -14.70 -13.72 37.50
CA GLY B 70 -15.65 -12.83 36.87
C GLY B 70 -15.77 -11.50 37.59
N ASP B 71 -16.02 -11.57 38.90
CA ASP B 71 -16.14 -10.36 39.71
C ASP B 71 -14.90 -9.50 39.58
N TRP B 72 -13.72 -10.09 39.72
CA TRP B 72 -12.50 -9.29 39.67
C TRP B 72 -12.31 -8.68 38.29
N ARG B 73 -12.52 -9.48 37.23
CA ARG B 73 -12.32 -8.98 35.88
C ARG B 73 -13.15 -7.75 35.63
N GLU B 74 -14.40 -7.76 36.09
CA GLU B 74 -15.27 -6.61 35.95
C GLU B 74 -14.70 -5.39 36.66
N LYS B 75 -14.38 -5.56 37.94
CA LYS B 75 -13.81 -4.46 38.72
C LYS B 75 -12.60 -3.89 38.04
N GLU B 76 -11.70 -4.74 37.56
CA GLU B 76 -10.46 -4.22 36.97
C GLU B 76 -10.74 -3.54 35.64
N ALA B 77 -11.66 -4.08 34.87
CA ALA B 77 -12.04 -3.45 33.62
C ALA B 77 -12.71 -2.10 33.87
N LYS B 78 -13.54 -2.04 34.92
CA LYS B 78 -14.13 -0.79 35.35
C LYS B 78 -13.07 0.23 35.76
N ASP B 79 -12.12 -0.18 36.60
CA ASP B 79 -11.08 0.76 37.05
C ASP B 79 -10.32 1.33 35.87
N LEU B 80 -10.02 0.48 34.88
CA LEU B 80 -9.23 0.93 33.73
C LEU B 80 -9.97 2.02 32.97
N THR B 81 -11.22 1.74 32.60
CA THR B 81 -11.97 2.66 31.77
C THR B 81 -12.25 3.97 32.51
N GLU B 82 -12.52 3.91 33.82
CA GLU B 82 -12.68 5.14 34.60
C GLU B 82 -11.41 5.98 34.56
N LEU B 83 -10.26 5.31 34.64
CA LEU B 83 -8.98 6.00 34.56
C LEU B 83 -8.78 6.65 33.20
N VAL B 84 -9.02 5.91 32.12
CA VAL B 84 -8.81 6.48 30.78
C VAL B 84 -9.79 7.63 30.53
N GLN B 85 -11.03 7.48 31.01
CA GLN B 85 -12.01 8.56 30.86
C GLN B 85 -11.59 9.77 31.67
N ARG B 86 -11.10 9.57 32.89
CA ARG B 86 -10.62 10.71 33.67
C ARG B 86 -9.47 11.41 32.96
N ARG B 87 -8.59 10.65 32.30
CA ARG B 87 -7.44 11.25 31.62
C ARG B 87 -7.88 12.05 30.38
N ILE B 88 -8.76 11.47 29.56
CA ILE B 88 -9.23 12.16 28.35
C ILE B 88 -9.94 13.46 28.72
N THR B 89 -10.85 13.40 29.70
CA THR B 89 -11.55 14.58 30.15
C THR B 89 -10.59 15.68 30.60
N TYR B 90 -9.62 15.32 31.44
CA TYR B 90 -8.60 16.27 31.87
C TYR B 90 -7.96 17.00 30.69
N LEU B 91 -7.58 16.24 29.65
CA LEU B 91 -6.95 16.79 28.46
C LEU B 91 -7.88 17.72 27.72
N GLN B 92 -9.14 17.33 27.62
CA GLN B 92 -10.12 18.06 26.84
C GLN B 92 -10.59 19.32 27.53
N ASN B 93 -10.21 19.54 28.78
CA ASN B 93 -10.75 20.67 29.55
C ASN B 93 -9.64 21.42 30.28
N PRO B 94 -8.82 22.16 29.53
CA PRO B 94 -7.84 23.05 30.16
C PRO B 94 -8.52 24.18 30.92
N LYS B 95 -7.79 24.72 31.90
CA LYS B 95 -8.32 25.87 32.61
C LYS B 95 -8.27 27.12 31.73
N ASP B 96 -7.11 27.38 31.10
CA ASP B 96 -6.95 28.50 30.18
C ASP B 96 -7.00 27.95 28.76
N CYS B 97 -8.12 28.18 28.07
CA CYS B 97 -8.25 27.71 26.70
C CYS B 97 -7.55 28.63 25.73
N SER B 98 -7.40 29.90 26.06
CA SER B 98 -6.68 30.78 25.16
C SER B 98 -5.20 30.39 25.08
N LYS B 99 -4.66 29.71 26.09
CA LYS B 99 -3.25 29.38 26.11
C LYS B 99 -2.97 27.89 25.96
N ALA B 100 -3.96 27.11 25.53
CA ALA B 100 -3.82 25.66 25.49
C ALA B 100 -3.29 25.18 24.13
N LYS B 101 -2.49 24.11 24.16
CA LYS B 101 -2.13 23.43 22.93
C LYS B 101 -3.35 22.68 22.42
N LYS B 102 -3.52 22.69 21.10
CA LYS B 102 -4.75 22.21 20.49
C LYS B 102 -4.40 21.46 19.22
N LEU B 103 -5.20 20.44 18.91
CA LEU B 103 -5.10 19.71 17.65
C LEU B 103 -6.43 19.80 16.94
N VAL B 104 -6.41 20.39 15.75
CA VAL B 104 -7.64 20.72 15.01
C VAL B 104 -7.96 19.59 14.03
N CYS B 105 -9.10 18.94 14.28
CA CYS B 105 -9.58 17.83 13.48
C CYS B 105 -10.87 18.22 12.79
N ASN B 106 -10.99 17.87 11.51
CA ASN B 106 -12.11 18.29 10.68
C ASN B 106 -13.00 17.10 10.30
N ILE B 107 -14.28 17.16 10.66
CA ILE B 107 -15.09 15.94 10.63
C ILE B 107 -15.55 15.51 9.23
N ASN B 108 -15.53 16.39 8.23
CA ASN B 108 -16.25 16.07 6.99
C ASN B 108 -15.39 15.33 5.95
N LYS B 109 -14.78 14.23 6.39
CA LYS B 109 -14.04 13.35 5.49
C LYS B 109 -14.96 12.75 4.43
N GLY B 110 -14.42 12.53 3.24
CA GLY B 110 -15.23 11.99 2.18
C GLY B 110 -15.59 10.52 2.36
N CYS B 111 -16.47 10.21 3.31
CA CYS B 111 -16.95 8.84 3.48
C CYS B 111 -18.21 8.88 4.34
N GLY B 112 -18.60 7.75 4.91
CA GLY B 112 -19.82 7.65 5.68
C GLY B 112 -19.61 7.95 7.15
N TYR B 113 -20.68 7.72 7.92
CA TYR B 113 -20.70 8.12 9.32
C TYR B 113 -19.66 7.39 10.14
N GLY B 114 -19.58 6.07 10.00
CA GLY B 114 -18.64 5.33 10.80
C GLY B 114 -17.23 5.65 10.40
N CYS B 115 -16.98 5.77 9.10
CA CYS B 115 -15.66 6.14 8.64
C CYS B 115 -15.27 7.53 9.15
N GLN B 116 -16.25 8.45 9.27
CA GLN B 116 -15.96 9.78 9.82
C GLN B 116 -15.74 9.74 11.32
N LEU B 117 -16.60 9.02 12.05
CA LEU B 117 -16.37 8.83 13.48
C LEU B 117 -14.98 8.28 13.74
N HIS B 118 -14.58 7.29 12.93
CA HIS B 118 -13.27 6.68 13.07
C HIS B 118 -12.18 7.66 12.73
N HIS B 119 -12.45 8.56 11.80
CA HIS B 119 -11.51 9.66 11.58
C HIS B 119 -11.39 10.53 12.82
N VAL B 120 -12.51 10.80 13.49
CA VAL B 120 -12.42 11.62 14.69
C VAL B 120 -11.70 10.86 15.81
N VAL B 121 -11.87 9.54 15.87
CA VAL B 121 -11.15 8.73 16.85
C VAL B 121 -9.64 8.82 16.64
N TYR B 122 -9.20 8.72 15.37
CA TYR B 122 -7.78 8.79 15.06
C TYR B 122 -7.20 10.14 15.45
N CYS B 123 -7.93 11.22 15.16
CA CYS B 123 -7.53 12.55 15.62
C CYS B 123 -7.40 12.61 17.13
N PHE B 124 -8.42 12.11 17.84
CA PHE B 124 -8.44 12.14 19.30
C PHE B 124 -7.22 11.42 19.85
N MET B 125 -6.92 10.24 19.28
CA MET B 125 -5.81 9.42 19.75
C MET B 125 -4.49 10.17 19.60
N ILE B 126 -4.24 10.73 18.42
CA ILE B 126 -3.03 11.52 18.21
C ILE B 126 -3.01 12.75 19.12
N ALA B 127 -4.16 13.39 19.31
CA ALA B 127 -4.22 14.51 20.25
C ALA B 127 -3.91 14.06 21.67
N TYR B 128 -4.40 12.89 22.07
CA TYR B 128 -4.07 12.36 23.39
C TYR B 128 -2.58 12.12 23.53
N GLY B 129 -1.95 11.54 22.50
CA GLY B 129 -0.54 11.23 22.59
C GLY B 129 0.34 12.46 22.65
N THR B 130 -0.07 13.53 21.96
CA THR B 130 0.71 14.76 21.89
C THR B 130 0.32 15.79 22.97
N GLN B 131 -0.68 15.48 23.81
CA GLN B 131 -1.14 16.39 24.87
C GLN B 131 -1.73 17.68 24.31
N ARG B 132 -2.46 17.54 23.20
CA ARG B 132 -3.15 18.66 22.59
C ARG B 132 -4.65 18.43 22.74
N THR B 133 -5.37 19.48 23.13
CA THR B 133 -6.81 19.38 23.25
C THR B 133 -7.43 19.30 21.87
N LEU B 134 -8.43 18.43 21.74
CA LEU B 134 -9.08 18.18 20.47
C LEU B 134 -10.08 19.30 20.18
N ILE B 135 -9.91 19.96 19.05
CA ILE B 135 -10.82 20.99 18.58
C ILE B 135 -11.49 20.39 17.36
N LEU B 136 -12.76 19.99 17.48
CA LEU B 136 -13.46 19.30 16.40
C LEU B 136 -14.32 20.28 15.61
N GLU B 137 -13.87 20.59 14.40
CA GLU B 137 -14.61 21.46 13.49
C GLU B 137 -15.59 20.60 12.72
N SER B 138 -16.88 20.92 12.81
CA SER B 138 -17.92 20.09 12.24
C SER B 138 -18.96 20.81 11.41
N GLN B 139 -18.83 22.12 11.18
CA GLN B 139 -19.77 22.77 10.28
C GLN B 139 -19.76 22.09 8.92
N ASN B 140 -20.90 22.11 8.26
CA ASN B 140 -21.07 21.50 6.94
C ASN B 140 -20.94 19.99 6.92
N TRP B 141 -20.91 19.34 8.07
CA TRP B 141 -21.05 17.89 8.17
C TRP B 141 -22.13 17.40 7.22
N ARG B 142 -21.77 16.49 6.32
CA ARG B 142 -22.71 16.06 5.28
C ARG B 142 -23.98 15.48 5.89
N TYR B 143 -23.88 14.92 7.10
CA TYR B 143 -25.00 14.27 7.76
C TYR B 143 -25.91 15.21 8.51
N ALA B 144 -25.41 16.38 8.92
CA ALA B 144 -26.18 17.28 9.80
C ALA B 144 -25.51 18.66 9.73
N THR B 145 -25.97 19.50 8.81
CA THR B 145 -25.28 20.76 8.64
C THR B 145 -25.29 21.58 9.92
N GLY B 146 -26.12 21.18 10.89
CA GLY B 146 -26.05 21.78 12.21
C GLY B 146 -24.71 21.59 12.89
N GLY B 147 -24.03 20.49 12.60
CA GLY B 147 -22.71 20.25 13.14
C GLY B 147 -22.67 18.97 13.93
N TRP B 148 -21.55 18.79 14.63
CA TRP B 148 -21.41 17.65 15.52
C TRP B 148 -22.44 17.70 16.64
N GLU B 149 -22.71 18.88 17.16
CA GLU B 149 -23.58 19.02 18.31
C GLU B 149 -25.04 18.77 18.01
N THR B 150 -25.36 18.43 16.76
CA THR B 150 -26.71 18.04 16.40
C THR B 150 -27.14 16.79 17.16
N VAL B 151 -26.19 15.90 17.44
CA VAL B 151 -26.43 14.60 18.09
C VAL B 151 -25.57 14.39 19.36
N PHE B 152 -24.35 14.91 19.40
CA PHE B 152 -23.45 14.59 20.48
C PHE B 152 -23.01 15.82 21.26
N ARG B 153 -22.85 15.62 22.57
CA ARG B 153 -22.25 16.64 23.44
C ARG B 153 -20.88 17.06 22.89
N PRO B 154 -20.53 18.34 22.99
CA PRO B 154 -19.25 18.81 22.47
C PRO B 154 -18.10 18.18 23.22
N VAL B 155 -17.00 17.96 22.50
CA VAL B 155 -15.84 17.19 22.97
C VAL B 155 -15.10 17.94 24.08
N SER B 156 -15.56 19.15 24.40
CA SER B 156 -14.97 19.90 25.49
C SER B 156 -16.01 20.86 26.06
N GLU B 157 -15.98 21.05 27.39
CA GLU B 157 -16.80 22.07 28.02
C GLU B 157 -16.06 23.41 28.11
N THR B 158 -14.75 23.39 28.28
CA THR B 158 -14.03 24.64 28.46
C THR B 158 -13.35 25.12 27.20
N CYS B 159 -12.92 24.22 26.32
CA CYS B 159 -12.05 24.56 25.19
C CYS B 159 -12.64 24.03 23.88
N THR B 160 -13.40 24.87 23.19
CA THR B 160 -13.89 24.47 21.88
C THR B 160 -13.41 25.38 20.79
N ASP B 161 -12.67 26.45 21.11
CA ASP B 161 -12.31 27.47 20.15
C ASP B 161 -10.87 27.26 19.67
N ARG B 162 -10.67 27.34 18.37
CA ARG B 162 -9.44 26.89 17.72
C ARG B 162 -8.37 27.98 17.59
N SER B 163 -8.39 28.99 18.42
CA SER B 163 -7.46 30.10 18.20
C SER B 163 -6.18 29.92 19.03
N GLY B 164 -5.11 30.55 18.56
CA GLY B 164 -3.83 30.48 19.24
C GLY B 164 -2.80 31.36 18.55
N ILE B 165 -1.69 31.57 19.25
CA ILE B 165 -0.63 32.48 18.81
C ILE B 165 0.18 31.97 17.63
N SER B 166 0.08 30.67 17.32
CA SER B 166 0.70 30.10 16.14
C SER B 166 -0.10 28.89 15.72
N THR B 167 -0.50 28.83 14.45
CA THR B 167 -1.26 27.69 13.95
C THR B 167 -0.58 27.17 12.70
N GLY B 168 -0.53 25.84 12.56
CA GLY B 168 0.12 25.28 11.40
C GLY B 168 -0.31 23.85 11.10
N HIS B 169 -0.17 23.49 9.82
CA HIS B 169 -0.47 22.13 9.42
C HIS B 169 0.61 21.20 9.95
N TRP B 170 0.16 20.02 10.36
CA TRP B 170 1.01 19.04 11.02
C TRP B 170 2.26 18.77 10.21
N SER B 171 3.37 18.59 10.92
CA SER B 171 4.63 18.25 10.26
C SER B 171 5.47 17.29 11.10
N GLY B 172 4.90 16.68 12.13
CA GLY B 172 5.65 15.87 13.04
C GLY B 172 5.57 16.41 14.46
N GLU B 173 5.58 15.51 15.44
CA GLU B 173 5.49 15.93 16.83
C GLU B 173 6.73 16.71 17.24
N VAL B 174 7.88 16.36 16.67
CA VAL B 174 9.11 17.04 17.02
C VAL B 174 9.14 18.43 16.37
N LYS B 175 8.77 18.52 15.09
CA LYS B 175 8.85 19.81 14.40
C LYS B 175 7.81 20.78 14.90
N ASP B 176 6.66 20.28 15.33
CA ASP B 176 5.55 21.11 15.78
C ASP B 176 5.61 21.41 17.28
N LYS B 177 6.73 21.13 17.95
CA LYS B 177 6.76 21.20 19.42
C LYS B 177 6.33 22.57 19.94
N ASN B 178 6.44 23.63 19.13
CA ASN B 178 6.13 24.98 19.58
C ASN B 178 5.09 25.69 18.72
N VAL B 179 4.34 24.93 17.95
CA VAL B 179 3.15 25.45 17.28
C VAL B 179 1.95 25.17 18.19
N GLN B 180 1.23 26.22 18.59
CA GLN B 180 0.19 26.04 19.58
C GLN B 180 -0.98 25.21 19.05
N VAL B 181 -1.45 25.52 17.84
CA VAL B 181 -2.64 24.87 17.29
C VAL B 181 -2.24 24.16 16.00
N VAL B 182 -2.39 22.85 15.97
CA VAL B 182 -1.92 22.02 14.86
C VAL B 182 -3.11 21.42 14.14
N GLU B 183 -3.18 21.63 12.82
CA GLU B 183 -4.26 21.11 12.00
C GLU B 183 -3.89 19.71 11.54
N LEU B 184 -4.73 18.74 11.86
CA LEU B 184 -4.39 17.37 11.51
C LEU B 184 -5.19 16.94 10.30
N PRO B 185 -4.52 16.36 9.32
CA PRO B 185 -5.19 15.86 8.11
C PRO B 185 -5.73 14.45 8.34
N ILE B 186 -6.41 13.93 7.29
CA ILE B 186 -6.92 12.57 7.35
C ILE B 186 -5.75 11.60 7.36
N VAL B 187 -5.96 10.44 7.99
CA VAL B 187 -4.88 9.47 8.13
C VAL B 187 -4.29 9.09 6.77
N ASP B 188 -5.11 9.14 5.72
CA ASP B 188 -4.72 8.77 4.36
C ASP B 188 -3.57 9.62 3.85
N SER B 189 -3.39 10.80 4.42
CA SER B 189 -2.32 11.69 3.98
C SER B 189 -1.49 12.19 5.16
N LEU B 190 -1.53 11.49 6.29
CA LEU B 190 -0.76 11.90 7.46
C LEU B 190 0.69 11.53 7.23
N HIS B 191 1.55 12.53 7.29
CA HIS B 191 2.95 12.32 7.00
C HIS B 191 3.76 13.48 7.59
N PRO B 192 4.67 13.21 8.54
CA PRO B 192 5.04 11.88 9.04
C PRO B 192 4.00 11.19 9.94
N ARG B 193 4.16 9.87 10.10
CA ARG B 193 3.17 9.28 11.00
C ARG B 193 3.72 9.27 12.42
N PRO B 194 2.93 9.72 13.39
CA PRO B 194 3.35 9.63 14.77
C PRO B 194 3.13 8.22 15.29
N PRO B 195 3.69 7.89 16.45
CA PRO B 195 3.51 6.55 17.04
C PRO B 195 2.12 6.28 17.61
N TYR B 196 1.26 7.28 17.74
CA TYR B 196 0.01 7.19 18.51
C TYR B 196 -1.16 6.71 17.66
N LEU B 197 -1.01 5.57 16.98
CA LEU B 197 -2.02 5.00 16.10
C LEU B 197 -2.36 3.58 16.55
N PRO B 198 -3.52 3.05 16.10
CA PRO B 198 -3.80 1.63 16.30
C PRO B 198 -2.91 0.78 15.40
N LEU B 199 -2.70 -0.48 15.78
CA LEU B 199 -3.40 -1.16 16.87
C LEU B 199 -2.60 -1.17 18.15
N ALA B 200 -1.73 -0.19 18.32
CA ALA B 200 -0.89 -0.12 19.50
C ALA B 200 -1.66 0.46 20.69
N VAL B 201 -1.41 -0.12 21.86
CA VAL B 201 -2.03 0.31 23.11
C VAL B 201 -1.02 1.07 23.98
N PRO B 202 -1.46 1.89 24.93
CA PRO B 202 -0.49 2.63 25.75
C PRO B 202 0.37 1.68 26.57
N GLU B 203 1.67 1.97 26.58
CA GLU B 203 2.66 1.20 27.31
C GLU B 203 2.25 0.92 28.75
N ASP B 204 1.72 1.91 29.46
CA ASP B 204 1.50 1.72 30.89
C ASP B 204 0.28 0.87 31.21
N LEU B 205 -0.68 0.81 30.30
CA LEU B 205 -1.88 0.01 30.51
C LEU B 205 -1.75 -1.41 30.01
N ALA B 206 -0.67 -1.72 29.29
CA ALA B 206 -0.63 -2.95 28.51
C ALA B 206 -0.66 -4.17 29.42
N ASP B 207 0.10 -4.17 30.51
CA ASP B 207 0.07 -5.34 31.38
C ASP B 207 -1.31 -5.53 32.00
N ARG B 208 -1.92 -4.45 32.50
CA ARG B 208 -3.26 -4.56 33.10
C ARG B 208 -4.30 -4.99 32.09
N LEU B 209 -4.21 -4.48 30.85
CA LEU B 209 -5.17 -4.84 29.80
C LEU B 209 -5.13 -6.32 29.47
N VAL B 210 -3.93 -6.90 29.34
CA VAL B 210 -3.80 -8.31 28.97
C VAL B 210 -4.38 -9.22 30.06
N ARG B 211 -4.20 -8.84 31.33
CA ARG B 211 -4.86 -9.58 32.40
C ARG B 211 -6.38 -9.65 32.19
N VAL B 212 -6.97 -8.63 31.58
CA VAL B 212 -8.43 -8.48 31.50
C VAL B 212 -8.97 -8.81 30.11
N HIS B 213 -8.39 -8.23 29.08
CA HIS B 213 -9.03 -8.13 27.78
C HIS B 213 -8.31 -8.99 26.74
N GLY B 214 -9.11 -9.60 25.84
CA GLY B 214 -8.61 -10.45 24.78
C GLY B 214 -8.13 -9.75 23.52
N ASP B 215 -8.45 -8.47 23.33
CA ASP B 215 -7.96 -7.71 22.17
C ASP B 215 -7.72 -6.28 22.62
N PRO B 216 -6.59 -6.01 23.27
CA PRO B 216 -6.37 -4.68 23.85
C PRO B 216 -6.40 -3.55 22.84
N ALA B 217 -6.11 -3.80 21.55
CA ALA B 217 -6.24 -2.73 20.57
C ALA B 217 -7.66 -2.19 20.54
N VAL B 218 -8.65 -3.08 20.41
CA VAL B 218 -10.03 -2.62 20.34
C VAL B 218 -10.40 -1.90 21.62
N TRP B 219 -9.91 -2.38 22.76
CA TRP B 219 -10.26 -1.75 24.02
C TRP B 219 -9.78 -0.30 24.05
N TRP B 220 -8.57 -0.05 23.54
CA TRP B 220 -8.02 1.31 23.52
C TRP B 220 -8.79 2.21 22.56
N VAL B 221 -9.13 1.71 21.37
CA VAL B 221 -9.92 2.51 20.43
C VAL B 221 -11.27 2.84 21.02
N SER B 222 -11.92 1.85 21.65
CA SER B 222 -13.26 2.06 22.17
C SER B 222 -13.26 3.15 23.24
N GLN B 223 -12.16 3.29 23.97
CA GLN B 223 -12.08 4.32 24.99
C GLN B 223 -12.38 5.70 24.43
N PHE B 224 -11.94 5.97 23.20
CA PHE B 224 -12.21 7.27 22.59
C PHE B 224 -13.61 7.34 22.00
N VAL B 225 -14.07 6.25 21.36
CA VAL B 225 -15.45 6.18 20.90
C VAL B 225 -16.39 6.48 22.06
N LYS B 226 -16.11 5.88 23.22
CA LYS B 226 -16.93 6.08 24.42
C LYS B 226 -17.07 7.57 24.72
N TYR B 227 -15.93 8.25 24.83
CA TYR B 227 -15.96 9.69 25.10
C TYR B 227 -16.67 10.43 24.00
N LEU B 228 -16.54 9.98 22.75
CA LEU B 228 -17.07 10.75 21.63
C LEU B 228 -18.59 10.75 21.61
N ILE B 229 -19.21 9.58 21.80
CA ILE B 229 -20.64 9.42 21.49
C ILE B 229 -21.58 9.77 22.64
N ARG B 230 -21.09 10.46 23.69
CA ARG B 230 -21.98 11.05 24.72
C ARG B 230 -23.09 11.87 24.09
N PRO B 231 -24.35 11.43 24.11
CA PRO B 231 -25.33 12.01 23.19
C PRO B 231 -26.09 13.17 23.79
N GLN B 232 -26.57 14.04 22.91
CA GLN B 232 -27.37 15.17 23.35
C GLN B 232 -28.67 14.66 23.99
N PRO B 233 -29.29 15.48 24.86
CA PRO B 233 -30.47 15.00 25.59
C PRO B 233 -31.58 14.44 24.72
N TRP B 234 -31.92 15.08 23.60
CA TRP B 234 -33.01 14.53 22.78
C TRP B 234 -32.64 13.14 22.31
N LEU B 235 -31.38 12.94 21.93
CA LEU B 235 -30.95 11.66 21.43
C LEU B 235 -30.96 10.62 22.53
N GLU B 236 -30.48 10.99 23.72
CA GLU B 236 -30.58 10.09 24.86
C GLU B 236 -32.03 9.68 25.11
N LYS B 237 -32.96 10.63 25.02
CA LYS B 237 -34.36 10.28 25.18
C LYS B 237 -34.84 9.41 24.03
N GLU B 238 -34.37 9.68 22.81
CA GLU B 238 -34.80 8.88 21.67
C GLU B 238 -34.37 7.44 21.84
N ILE B 239 -33.19 7.22 22.42
CA ILE B 239 -32.67 5.85 22.60
C ILE B 239 -33.50 5.10 23.63
N GLU B 240 -33.76 5.74 24.78
CA GLU B 240 -34.58 5.09 25.80
C GLU B 240 -35.94 4.75 25.26
N GLU B 241 -36.55 5.69 24.52
CA GLU B 241 -37.88 5.49 23.96
C GLU B 241 -37.89 4.35 22.95
N ALA B 242 -36.95 4.35 22.02
CA ALA B 242 -36.90 3.30 21.03
C ALA B 242 -36.65 1.94 21.68
N THR B 243 -35.85 1.91 22.74
CA THR B 243 -35.62 0.66 23.46
C THR B 243 -36.94 0.04 23.92
N LYS B 244 -37.81 0.86 24.51
CA LYS B 244 -39.10 0.34 24.97
C LYS B 244 -39.99 -0.01 23.79
N LYS B 245 -40.05 0.86 22.78
CA LYS B 245 -40.98 0.65 21.68
C LYS B 245 -40.61 -0.61 20.86
N LEU B 246 -39.33 -0.81 20.54
CA LEU B 246 -38.93 -2.03 19.82
C LEU B 246 -39.00 -3.31 20.64
N GLY B 247 -39.09 -3.23 21.95
CA GLY B 247 -39.12 -4.45 22.75
C GLY B 247 -37.80 -5.15 22.92
N PHE B 248 -36.71 -4.39 23.06
CA PHE B 248 -35.32 -4.88 23.06
C PHE B 248 -35.02 -5.45 24.44
N LYS B 249 -34.98 -6.78 24.57
CA LYS B 249 -34.64 -7.44 25.83
C LYS B 249 -33.51 -8.42 25.54
N HIS B 250 -32.52 -8.45 26.42
CA HIS B 250 -31.55 -9.53 26.38
C HIS B 250 -32.29 -10.82 26.78
N PRO B 251 -31.97 -11.99 26.17
CA PRO B 251 -30.95 -12.33 25.17
C PRO B 251 -31.37 -11.97 23.73
N VAL B 252 -30.54 -11.15 23.08
CA VAL B 252 -30.72 -10.68 21.71
C VAL B 252 -29.37 -10.73 21.01
N ILE B 253 -29.35 -11.22 19.78
CA ILE B 253 -28.14 -11.26 18.97
C ILE B 253 -28.28 -10.21 17.87
N GLY B 254 -27.31 -9.30 17.80
CA GLY B 254 -27.35 -8.28 16.79
C GLY B 254 -26.78 -8.80 15.48
N VAL B 255 -27.48 -8.49 14.40
CA VAL B 255 -27.06 -8.86 13.05
C VAL B 255 -27.09 -7.58 12.22
N HIS B 256 -25.99 -7.29 11.50
CA HIS B 256 -25.89 -6.13 10.63
C HIS B 256 -25.55 -6.56 9.20
N VAL B 257 -26.58 -6.56 8.35
CA VAL B 257 -26.43 -6.92 6.95
C VAL B 257 -26.25 -5.64 6.15
N ARG B 258 -25.00 -5.38 5.73
CA ARG B 258 -24.64 -4.22 4.93
C ARG B 258 -24.64 -4.61 3.46
N ARG B 259 -25.42 -3.88 2.65
CA ARG B 259 -25.53 -4.15 1.23
C ARG B 259 -25.39 -2.88 0.40
N THR B 260 -26.47 -2.39 -0.22
CA THR B 260 -26.45 -1.21 -1.09
C THR B 260 -25.17 -1.10 -1.90
N ASP B 261 -24.51 0.05 -1.73
CA ASP B 261 -23.33 0.43 -2.50
C ASP B 261 -22.06 -0.30 -2.04
N LYS B 262 -22.06 -0.85 -0.82
CA LYS B 262 -20.86 -1.54 -0.35
C LYS B 262 -20.58 -2.76 -1.21
N VAL B 263 -21.61 -3.35 -1.81
CA VAL B 263 -21.45 -4.57 -2.60
C VAL B 263 -20.62 -4.30 -3.85
N GLY B 264 -19.65 -5.17 -4.11
CA GLY B 264 -18.92 -5.15 -5.35
C GLY B 264 -17.62 -4.40 -5.22
N THR B 265 -17.71 -3.19 -4.67
CA THR B 265 -16.50 -2.40 -4.59
C THR B 265 -15.81 -2.60 -3.25
N GLU B 266 -16.53 -2.62 -2.13
CA GLU B 266 -15.84 -2.72 -0.85
C GLU B 266 -16.04 -4.04 -0.13
N ALA B 267 -17.05 -4.83 -0.48
CA ALA B 267 -17.34 -6.06 0.25
C ALA B 267 -18.24 -6.97 -0.59
N ALA B 268 -18.49 -8.17 -0.08
CA ALA B 268 -19.33 -9.12 -0.80
C ALA B 268 -20.81 -8.98 -0.41
N PHE B 269 -21.67 -9.47 -1.28
CA PHE B 269 -23.06 -9.67 -0.88
C PHE B 269 -23.18 -10.99 -0.15
N HIS B 270 -23.88 -10.99 0.98
CA HIS B 270 -24.09 -12.22 1.74
C HIS B 270 -25.57 -12.46 1.95
N PRO B 271 -26.04 -13.68 1.71
CA PRO B 271 -27.44 -14.01 1.92
C PRO B 271 -27.77 -14.00 3.39
N ILE B 272 -29.06 -13.86 3.70
CA ILE B 272 -29.43 -13.83 5.10
C ILE B 272 -28.96 -15.10 5.81
N GLU B 273 -28.94 -16.24 5.10
CA GLU B 273 -28.59 -17.51 5.74
C GLU B 273 -27.14 -17.58 6.19
N GLU B 274 -26.22 -16.94 5.45
CA GLU B 274 -24.81 -16.95 5.86
C GLU B 274 -24.64 -16.34 7.23
N TYR B 275 -25.48 -15.38 7.59
CA TYR B 275 -25.44 -14.79 8.93
C TYR B 275 -26.16 -15.67 9.93
N MET B 276 -27.31 -16.20 9.53
CA MET B 276 -28.21 -16.84 10.48
C MET B 276 -27.68 -18.17 11.01
N VAL B 277 -26.72 -18.79 10.33
CA VAL B 277 -26.13 -20.01 10.89
C VAL B 277 -25.37 -19.68 12.16
N HIS B 278 -24.54 -18.64 12.10
CA HIS B 278 -23.79 -18.23 13.27
C HIS B 278 -24.75 -17.80 14.37
N VAL B 279 -25.85 -17.16 13.99
CA VAL B 279 -26.85 -16.76 14.97
C VAL B 279 -27.40 -17.97 15.70
N GLU B 280 -27.80 -19.00 14.96
CA GLU B 280 -28.37 -20.18 15.61
C GLU B 280 -27.34 -20.93 16.41
N GLU B 281 -26.17 -21.13 15.81
CA GLU B 281 -25.07 -21.80 16.49
C GLU B 281 -24.84 -21.16 17.86
N HIS B 282 -25.00 -19.85 17.92
CA HIS B 282 -24.69 -19.14 19.13
C HIS B 282 -25.87 -18.97 20.06
N PHE B 283 -27.09 -19.11 19.57
CA PHE B 283 -28.20 -19.28 20.49
C PHE B 283 -28.18 -20.67 21.07
N GLN B 284 -27.71 -21.65 20.29
CA GLN B 284 -27.51 -22.99 20.82
C GLN B 284 -26.48 -22.99 21.95
N LEU B 285 -25.40 -22.22 21.78
CA LEU B 285 -24.42 -22.06 22.84
C LEU B 285 -25.04 -21.42 24.07
N LEU B 286 -25.69 -20.26 23.87
CA LEU B 286 -26.35 -19.57 24.98
C LEU B 286 -27.34 -20.48 25.66
N ALA B 287 -28.13 -21.20 24.88
CA ALA B 287 -29.13 -22.10 25.46
C ALA B 287 -28.49 -23.16 26.34
N ARG B 288 -27.21 -23.47 26.10
CA ARG B 288 -26.51 -24.42 26.95
C ARG B 288 -26.23 -23.87 28.35
N ARG B 289 -26.26 -22.55 28.52
CA ARG B 289 -25.88 -21.94 29.77
C ARG B 289 -26.99 -21.17 30.47
N MET B 290 -28.07 -20.81 29.77
CA MET B 290 -29.15 -20.02 30.35
C MET B 290 -30.46 -20.41 29.69
N GLN B 291 -31.55 -19.82 30.18
CA GLN B 291 -32.85 -20.00 29.58
C GLN B 291 -32.99 -19.10 28.35
N VAL B 292 -33.39 -19.66 27.22
CA VAL B 292 -33.65 -18.88 26.02
C VAL B 292 -35.13 -19.04 25.72
N ASP B 293 -35.94 -18.05 26.15
CA ASP B 293 -37.39 -18.15 26.00
C ASP B 293 -37.78 -17.95 24.54
N LYS B 294 -37.37 -16.82 23.98
CA LYS B 294 -37.58 -16.46 22.59
C LYS B 294 -36.23 -16.05 22.05
N LYS B 295 -35.97 -16.42 20.81
CA LYS B 295 -34.71 -16.11 20.13
C LYS B 295 -34.87 -14.75 19.45
N ARG B 296 -34.28 -13.70 20.01
CA ARG B 296 -34.41 -12.35 19.47
C ARG B 296 -33.17 -11.97 18.66
N VAL B 297 -33.39 -11.52 17.42
CA VAL B 297 -32.32 -10.97 16.59
C VAL B 297 -32.59 -9.49 16.41
N TYR B 298 -31.65 -8.62 16.78
CA TYR B 298 -31.75 -7.23 16.37
C TYR B 298 -31.11 -7.11 15.00
N LEU B 299 -31.88 -6.63 14.03
CA LEU B 299 -31.47 -6.60 12.64
C LEU B 299 -31.25 -5.16 12.18
N ALA B 300 -29.99 -4.79 11.98
CA ALA B 300 -29.61 -3.52 11.36
C ALA B 300 -29.29 -3.75 9.88
N THR B 301 -29.97 -3.04 9.00
CA THR B 301 -29.71 -3.24 7.58
C THR B 301 -30.03 -1.95 6.84
N ASP B 302 -29.39 -1.79 5.69
CA ASP B 302 -29.78 -0.78 4.73
C ASP B 302 -30.56 -1.37 3.54
N ASP B 303 -30.84 -2.69 3.58
CA ASP B 303 -31.75 -3.33 2.63
C ASP B 303 -33.13 -3.39 3.26
N PRO B 304 -34.05 -2.47 2.93
CA PRO B 304 -35.38 -2.52 3.56
C PRO B 304 -36.19 -3.75 3.18
N SER B 305 -35.80 -4.47 2.12
CA SER B 305 -36.46 -5.70 1.75
C SER B 305 -36.11 -6.88 2.64
N LEU B 306 -35.09 -6.72 3.49
CA LEU B 306 -34.56 -7.88 4.20
C LEU B 306 -35.50 -8.32 5.32
N LEU B 307 -36.09 -7.36 6.04
CA LEU B 307 -36.87 -7.71 7.22
C LEU B 307 -37.99 -8.69 6.88
N LYS B 308 -38.80 -8.36 5.87
CA LYS B 308 -39.86 -9.29 5.51
C LYS B 308 -39.29 -10.66 5.11
N GLU B 309 -38.20 -10.65 4.34
CA GLU B 309 -37.59 -11.90 3.90
C GLU B 309 -37.10 -12.71 5.10
N ALA B 310 -36.44 -12.06 6.05
CA ALA B 310 -35.89 -12.75 7.21
C ALA B 310 -36.99 -13.39 8.05
N LYS B 311 -38.05 -12.62 8.32
CA LYS B 311 -39.15 -13.09 9.16
C LYS B 311 -39.78 -14.34 8.56
N THR B 312 -39.81 -14.42 7.23
CA THR B 312 -40.42 -15.55 6.56
C THR B 312 -39.52 -16.78 6.62
N LYS B 313 -38.21 -16.61 6.41
CA LYS B 313 -37.30 -17.75 6.41
C LYS B 313 -37.03 -18.27 7.81
N TYR B 314 -37.10 -17.41 8.82
CA TYR B 314 -36.75 -17.78 10.19
C TYR B 314 -37.92 -17.51 11.12
N PRO B 315 -39.01 -18.28 10.97
CA PRO B 315 -40.23 -17.99 11.72
C PRO B 315 -40.13 -18.29 13.20
N ASN B 316 -39.03 -18.87 13.67
CA ASN B 316 -38.84 -19.08 15.09
C ASN B 316 -38.17 -17.90 15.79
N TYR B 317 -37.59 -16.98 15.03
CA TYR B 317 -36.83 -15.89 15.62
C TYR B 317 -37.74 -14.67 15.67
N GLU B 318 -37.72 -13.98 16.81
CA GLU B 318 -38.30 -12.66 16.91
C GLU B 318 -37.30 -11.63 16.39
N PHE B 319 -37.67 -10.92 15.32
CA PHE B 319 -36.81 -9.93 14.69
C PHE B 319 -37.16 -8.54 15.19
N ILE B 320 -36.24 -7.92 15.91
CA ILE B 320 -36.35 -6.54 16.35
C ILE B 320 -35.63 -5.67 15.33
N SER B 321 -36.40 -4.86 14.60
CA SER B 321 -35.84 -4.03 13.54
C SER B 321 -36.73 -2.79 13.42
N ASP B 322 -36.17 -1.73 12.85
CA ASP B 322 -36.89 -0.50 12.52
C ASP B 322 -36.81 -0.32 11.01
N ASN B 323 -37.69 -1.01 10.27
CA ASN B 323 -37.54 -1.07 8.82
C ASN B 323 -37.44 0.31 8.20
N SER B 324 -38.05 1.32 8.79
CA SER B 324 -37.94 2.65 8.20
C SER B 324 -36.54 3.25 8.41
N ILE B 325 -35.86 2.97 9.52
CA ILE B 325 -34.45 3.32 9.58
C ILE B 325 -33.69 2.66 8.42
N SER B 326 -34.03 1.40 8.10
CA SER B 326 -33.45 0.75 6.93
C SER B 326 -33.73 1.57 5.67
N TRP B 327 -34.96 2.11 5.56
CA TRP B 327 -35.27 2.98 4.43
C TRP B 327 -34.53 4.32 4.49
N SER B 328 -34.39 4.91 5.70
CA SER B 328 -33.75 6.22 5.80
C SER B 328 -32.27 6.16 5.41
N ALA B 329 -31.68 4.95 5.45
CA ALA B 329 -30.29 4.70 5.10
C ALA B 329 -30.08 4.49 3.62
N GLY B 330 -31.15 4.45 2.83
CA GLY B 330 -31.02 4.30 1.39
C GLY B 330 -30.12 5.36 0.78
N LEU B 331 -29.59 5.05 -0.40
CA LEU B 331 -28.49 5.84 -0.95
C LEU B 331 -28.92 7.26 -1.27
N HIS B 332 -30.08 7.40 -1.89
CA HIS B 332 -30.60 8.66 -2.38
C HIS B 332 -30.93 9.68 -1.28
N ASN B 333 -30.96 9.25 -0.01
CA ASN B 333 -31.39 10.08 1.10
C ASN B 333 -30.56 9.78 2.35
N ARG B 334 -29.28 9.50 2.17
CA ARG B 334 -28.48 8.97 3.27
C ARG B 334 -27.88 10.04 4.15
N TYR B 335 -27.58 11.22 3.60
CA TYR B 335 -26.78 12.20 4.33
C TYR B 335 -27.69 13.31 4.82
N THR B 336 -28.42 12.99 5.89
CA THR B 336 -29.34 13.91 6.55
C THR B 336 -29.41 13.55 8.02
N GLU B 337 -29.98 14.47 8.81
CA GLU B 337 -30.06 14.27 10.26
C GLU B 337 -30.91 13.06 10.63
N ASN B 338 -32.08 12.91 10.02
CA ASN B 338 -32.90 11.74 10.34
C ASN B 338 -32.16 10.44 10.03
N SER B 339 -31.41 10.42 8.92
CA SER B 339 -30.61 9.25 8.57
C SER B 339 -29.50 9.03 9.57
N LEU B 340 -28.79 10.11 9.92
CA LEU B 340 -27.75 10.04 10.95
C LEU B 340 -28.32 9.53 12.25
N ARG B 341 -29.52 9.99 12.61
CA ARG B 341 -30.15 9.44 13.79
C ARG B 341 -30.40 7.94 13.64
N GLY B 342 -30.79 7.51 12.45
CA GLY B 342 -31.00 6.10 12.23
C GLY B 342 -29.77 5.27 12.52
N VAL B 343 -28.65 5.64 11.89
CA VAL B 343 -27.46 4.80 12.04
C VAL B 343 -26.93 4.86 13.46
N ILE B 344 -27.09 5.99 14.14
CA ILE B 344 -26.59 6.07 15.51
C ILE B 344 -27.37 5.10 16.38
N LEU B 345 -28.68 5.02 16.17
CA LEU B 345 -29.50 4.13 16.97
C LEU B 345 -29.26 2.68 16.58
N ASP B 346 -29.15 2.40 15.27
CA ASP B 346 -28.85 1.04 14.82
C ASP B 346 -27.54 0.55 15.44
N ILE B 347 -26.52 1.42 15.45
CA ILE B 347 -25.24 1.06 16.05
C ILE B 347 -25.40 0.86 17.55
N HIS B 348 -26.21 1.70 18.20
CA HIS B 348 -26.41 1.54 19.64
C HIS B 348 -26.91 0.14 19.98
N PHE B 349 -28.02 -0.26 19.36
CA PHE B 349 -28.63 -1.54 19.68
C PHE B 349 -27.77 -2.71 19.25
N LEU B 350 -26.98 -2.55 18.19
CA LEU B 350 -26.03 -3.60 17.85
C LEU B 350 -25.03 -3.80 18.97
N SER B 351 -24.36 -2.73 19.40
CA SER B 351 -23.35 -2.83 20.46
C SER B 351 -23.94 -3.43 21.73
N GLN B 352 -25.26 -3.29 21.92
CA GLN B 352 -25.90 -3.70 23.16
C GLN B 352 -26.19 -5.20 23.20
N ALA B 353 -26.16 -5.85 22.05
CA ALA B 353 -26.51 -7.24 21.96
C ALA B 353 -25.54 -8.11 22.73
N ASP B 354 -25.99 -9.35 22.98
CA ASP B 354 -25.16 -10.33 23.66
C ASP B 354 -24.08 -10.84 22.74
N PHE B 355 -24.32 -10.76 21.44
CA PHE B 355 -23.39 -11.24 20.44
C PHE B 355 -23.66 -10.51 19.14
N LEU B 356 -22.63 -10.37 18.32
CA LEU B 356 -22.74 -9.61 17.08
C LEU B 356 -22.36 -10.51 15.91
N VAL B 357 -23.17 -10.50 14.86
CA VAL B 357 -22.86 -11.18 13.61
C VAL B 357 -22.92 -10.12 12.52
N CYS B 358 -21.89 -10.05 11.68
CA CYS B 358 -21.85 -9.02 10.65
C CYS B 358 -20.65 -9.24 9.73
N THR B 359 -20.36 -8.19 8.94
CA THR B 359 -19.17 -8.03 8.12
C THR B 359 -18.31 -6.95 8.72
N PHE B 360 -17.12 -7.31 9.18
CA PHE B 360 -16.26 -6.25 9.72
C PHE B 360 -15.70 -5.37 8.64
N SER B 361 -15.97 -5.68 7.36
CA SER B 361 -15.59 -4.75 6.30
C SER B 361 -16.37 -3.46 6.38
N SER B 362 -17.50 -3.46 7.09
CA SER B 362 -18.34 -2.29 7.26
C SER B 362 -17.92 -1.55 8.53
N GLN B 363 -17.71 -0.24 8.42
CA GLN B 363 -17.37 0.55 9.59
C GLN B 363 -18.52 0.52 10.60
N VAL B 364 -19.75 0.33 10.12
CA VAL B 364 -20.92 0.33 11.00
C VAL B 364 -20.81 -0.80 12.00
N CYS B 365 -20.48 -2.00 11.52
CA CYS B 365 -20.33 -3.10 12.46
C CYS B 365 -19.14 -2.87 13.38
N ARG B 366 -18.02 -2.41 12.83
CA ARG B 366 -16.83 -2.15 13.63
C ARG B 366 -17.11 -1.19 14.77
N VAL B 367 -17.89 -0.14 14.52
CA VAL B 367 -18.21 0.80 15.59
C VAL B 367 -19.08 0.16 16.66
N ALA B 368 -20.07 -0.63 16.25
CA ALA B 368 -20.86 -1.37 17.23
C ALA B 368 -19.93 -2.25 18.06
N TYR B 369 -19.02 -2.96 17.36
CA TYR B 369 -18.12 -3.87 18.04
C TYR B 369 -17.21 -3.12 19.02
N GLU B 370 -16.67 -1.97 18.60
CA GLU B 370 -15.87 -1.15 19.51
C GLU B 370 -16.70 -0.66 20.71
N ILE B 371 -17.90 -0.11 20.45
CA ILE B 371 -18.74 0.33 21.56
C ILE B 371 -19.09 -0.84 22.47
N MET B 372 -19.27 -2.03 21.87
CA MET B 372 -19.56 -3.22 22.67
C MET B 372 -18.49 -3.48 23.74
N GLN B 373 -17.24 -3.13 23.43
CA GLN B 373 -16.13 -3.34 24.38
C GLN B 373 -16.30 -2.62 25.71
N THR B 374 -17.10 -1.55 25.74
CA THR B 374 -17.28 -0.75 26.95
C THR B 374 -18.48 -1.17 27.76
N LEU B 375 -19.25 -2.18 27.33
CA LEU B 375 -20.40 -2.68 28.04
C LEU B 375 -20.19 -4.04 28.70
N HIS B 376 -19.02 -4.66 28.53
CA HIS B 376 -18.66 -5.92 29.16
C HIS B 376 -17.19 -5.89 29.51
N PRO B 377 -16.76 -6.69 30.48
CA PRO B 377 -15.34 -6.81 30.81
C PRO B 377 -14.45 -7.25 29.66
N ASP B 378 -14.66 -8.42 29.11
CA ASP B 378 -13.95 -8.80 27.88
C ASP B 378 -15.01 -9.27 26.91
N ALA B 379 -15.41 -8.37 26.02
CA ALA B 379 -16.36 -8.71 24.96
C ALA B 379 -15.67 -8.81 23.62
N SER B 380 -14.37 -9.09 23.61
CA SER B 380 -13.60 -9.12 22.38
C SER B 380 -13.94 -10.32 21.50
N ALA B 381 -14.43 -11.42 22.07
CA ALA B 381 -14.79 -12.63 21.33
C ALA B 381 -16.24 -12.69 20.88
N ASN B 382 -17.04 -11.66 21.16
CA ASN B 382 -18.48 -11.74 20.90
C ASN B 382 -18.84 -11.46 19.46
N PHE B 383 -18.20 -12.13 18.52
CA PHE B 383 -18.65 -12.06 17.14
C PHE B 383 -18.13 -13.27 16.38
N HIS B 384 -18.97 -13.74 15.46
CA HIS B 384 -18.65 -14.72 14.41
C HIS B 384 -18.83 -13.84 13.14
N SER B 385 -17.89 -12.91 12.84
CA SER B 385 -17.84 -12.09 11.61
C SER B 385 -17.65 -12.88 10.31
N LEU B 386 -18.06 -12.25 9.17
CA LEU B 386 -18.18 -12.95 7.91
C LEU B 386 -17.13 -12.65 6.85
N ASP B 387 -16.21 -11.70 7.07
CA ASP B 387 -15.12 -11.58 6.10
C ASP B 387 -13.82 -11.10 6.77
N ASP B 388 -13.64 -9.80 6.91
CA ASP B 388 -12.41 -9.28 7.50
C ASP B 388 -12.39 -9.53 8.98
N ILE B 389 -11.18 -9.77 9.49
CA ILE B 389 -10.87 -9.71 10.92
C ILE B 389 -11.06 -8.26 11.34
N TYR B 390 -10.86 -7.94 12.62
CA TYR B 390 -10.95 -6.55 13.03
C TYR B 390 -9.77 -5.75 12.51
N TYR B 391 -10.04 -4.52 12.09
CA TYR B 391 -9.00 -3.56 11.75
C TYR B 391 -9.50 -2.15 12.01
N PHE B 392 -8.53 -1.22 12.07
CA PHE B 392 -8.81 0.21 12.17
C PHE B 392 -8.22 0.87 10.93
N GLY B 393 -9.09 1.33 10.04
CA GLY B 393 -8.65 1.95 8.81
C GLY B 393 -7.58 2.98 9.07
N GLY B 394 -6.37 2.74 8.54
CA GLY B 394 -5.25 3.64 8.70
C GLY B 394 -4.17 3.13 9.63
N GLN B 395 -4.39 1.98 10.27
CA GLN B 395 -3.58 1.39 11.32
C GLN B 395 -2.14 1.11 10.86
N ASN B 396 -1.31 0.75 11.84
CA ASN B 396 0.00 0.23 11.51
C ASN B 396 -0.11 -1.26 11.22
N ALA B 397 1.03 -1.89 10.94
CA ALA B 397 1.08 -3.28 10.54
C ALA B 397 0.48 -4.18 11.61
N HIS B 398 -0.43 -5.06 11.19
CA HIS B 398 -0.99 -6.07 12.06
C HIS B 398 -0.09 -7.30 12.02
N ASN B 399 0.66 -7.52 13.10
CA ASN B 399 1.57 -8.65 13.14
C ASN B 399 1.08 -9.69 14.13
N GLN B 400 1.34 -10.94 13.77
CA GLN B 400 1.24 -12.09 14.64
C GLN B 400 2.62 -12.72 14.72
N ILE B 401 2.78 -13.62 15.68
CA ILE B 401 4.00 -14.39 15.81
C ILE B 401 3.65 -15.85 15.60
N ALA B 402 4.42 -16.55 14.79
CA ALA B 402 4.27 -18.00 14.71
C ALA B 402 4.70 -18.64 16.02
N ILE B 403 3.88 -19.53 16.55
CA ILE B 403 4.25 -20.25 17.77
C ILE B 403 4.49 -21.74 17.54
N TYR B 404 3.94 -22.32 16.47
CA TYR B 404 4.29 -23.67 16.08
C TYR B 404 4.69 -23.62 14.61
N ALA B 405 5.72 -24.36 14.27
CA ALA B 405 6.18 -24.35 12.89
C ALA B 405 5.15 -25.00 11.98
N HIS B 406 5.13 -24.56 10.73
CA HIS B 406 4.24 -25.11 9.72
C HIS B 406 5.00 -25.35 8.42
N GLN B 407 4.87 -26.56 7.88
CA GLN B 407 5.44 -26.81 6.58
C GLN B 407 4.34 -26.87 5.50
N PRO B 408 4.49 -26.16 4.38
CA PRO B 408 3.38 -26.02 3.42
C PRO B 408 3.05 -27.32 2.71
N ARG B 409 1.79 -27.71 2.77
CA ARG B 409 1.36 -28.95 2.14
C ARG B 409 1.14 -28.77 0.64
N THR B 410 0.58 -27.62 0.24
CA THR B 410 0.38 -27.23 -1.15
C THR B 410 1.05 -25.90 -1.41
N ALA B 411 0.87 -25.42 -2.64
CA ALA B 411 1.48 -24.17 -3.06
C ALA B 411 0.82 -22.94 -2.47
N ASP B 412 -0.40 -23.07 -1.94
CA ASP B 412 -1.07 -21.91 -1.35
C ASP B 412 -0.59 -21.59 0.04
N GLU B 413 0.18 -22.47 0.67
CA GLU B 413 0.58 -22.30 2.06
C GLU B 413 1.98 -21.73 2.13
N ILE B 414 2.22 -20.97 3.21
CA ILE B 414 3.57 -20.47 3.48
C ILE B 414 4.21 -21.32 4.55
N PRO B 415 5.53 -21.42 4.57
CA PRO B 415 6.22 -22.04 5.70
C PRO B 415 6.35 -21.09 6.88
N MET B 416 6.34 -21.66 8.09
CA MET B 416 6.58 -20.88 9.29
C MET B 416 7.52 -21.62 10.23
N GLU B 417 8.39 -20.87 10.91
CA GLU B 417 9.18 -21.37 12.02
C GLU B 417 8.84 -20.53 13.25
N PRO B 418 8.84 -21.13 14.44
CA PRO B 418 8.42 -20.38 15.64
C PRO B 418 9.31 -19.18 15.89
N GLY B 419 8.66 -18.05 16.10
CA GLY B 419 9.31 -16.75 16.16
C GLY B 419 9.10 -15.92 14.91
N ASP B 420 8.99 -16.55 13.75
CA ASP B 420 8.70 -15.86 12.50
C ASP B 420 7.53 -14.89 12.70
N ILE B 421 7.62 -13.76 12.04
CA ILE B 421 6.62 -12.73 12.16
C ILE B 421 5.74 -12.76 10.93
N ILE B 422 4.44 -12.77 11.17
CA ILE B 422 3.44 -12.96 10.12
C ILE B 422 2.61 -11.69 10.08
N GLY B 423 2.62 -10.98 8.94
CA GLY B 423 1.65 -9.91 8.74
C GLY B 423 0.35 -10.52 8.26
N VAL B 424 -0.75 -10.32 8.99
CA VAL B 424 -1.99 -11.03 8.72
C VAL B 424 -2.89 -10.22 7.79
N ALA B 425 -3.35 -10.84 6.71
CA ALA B 425 -4.31 -10.17 5.86
C ALA B 425 -5.75 -10.42 6.30
N GLY B 426 -6.00 -11.61 6.82
CA GLY B 426 -7.33 -11.94 7.29
C GLY B 426 -7.38 -13.39 7.66
N ASN B 427 -8.52 -13.76 8.23
CA ASN B 427 -8.83 -15.12 8.63
C ASN B 427 -9.92 -15.65 7.70
N HIS B 428 -9.77 -16.87 7.24
CA HIS B 428 -10.78 -17.41 6.34
C HIS B 428 -11.89 -18.16 7.05
N TRP B 429 -11.81 -18.25 8.37
CA TRP B 429 -12.81 -18.91 9.20
C TRP B 429 -12.98 -20.39 8.82
N ASP B 430 -11.98 -20.96 8.15
CA ASP B 430 -11.94 -22.36 7.79
C ASP B 430 -10.74 -23.06 8.41
N GLY B 431 -10.11 -22.43 9.40
CA GLY B 431 -8.90 -22.97 10.00
C GLY B 431 -7.63 -22.40 9.43
N TYR B 432 -7.69 -21.65 8.35
CA TYR B 432 -6.51 -21.04 7.76
C TYR B 432 -6.64 -19.52 7.77
N SER B 433 -5.50 -18.86 7.74
CA SER B 433 -5.46 -17.42 7.51
C SER B 433 -4.50 -17.13 6.37
N LYS B 434 -4.58 -15.92 5.84
CA LYS B 434 -3.71 -15.45 4.77
C LYS B 434 -2.79 -14.39 5.34
N GLY B 435 -1.56 -14.35 4.85
CA GLY B 435 -0.61 -13.41 5.40
C GLY B 435 0.74 -13.56 4.76
N VAL B 436 1.66 -12.71 5.20
CA VAL B 436 3.03 -12.75 4.71
C VAL B 436 3.96 -13.13 5.86
N ASN B 437 4.82 -14.11 5.60
CA ASN B 437 5.91 -14.42 6.50
C ASN B 437 7.05 -13.46 6.20
N ARG B 438 7.29 -12.51 7.10
CA ARG B 438 8.21 -11.43 6.75
C ARG B 438 9.65 -11.91 6.65
N LYS B 439 10.08 -12.81 7.55
CA LYS B 439 11.48 -13.26 7.55
C LYS B 439 11.87 -13.79 6.17
N LEU B 440 11.02 -14.62 5.58
CA LEU B 440 11.28 -15.18 4.27
C LEU B 440 10.49 -14.50 3.17
N GLY B 441 9.68 -13.49 3.48
CA GLY B 441 8.92 -12.78 2.45
C GLY B 441 8.13 -13.68 1.50
N ARG B 442 7.25 -14.51 2.03
CA ARG B 442 6.38 -15.37 1.21
C ARG B 442 4.94 -15.08 1.64
N THR B 443 4.01 -15.04 0.68
CA THR B 443 2.61 -14.79 1.04
C THR B 443 1.80 -16.05 0.81
N GLY B 444 0.92 -16.36 1.75
CA GLY B 444 0.05 -17.51 1.58
C GLY B 444 -0.85 -17.79 2.78
N LEU B 445 -1.27 -19.04 2.86
CA LEU B 445 -2.12 -19.52 3.94
C LEU B 445 -1.28 -20.22 5.02
N TYR B 446 -1.76 -20.17 6.26
CA TYR B 446 -1.15 -20.89 7.38
C TYR B 446 -2.25 -21.29 8.35
N PRO B 447 -2.10 -22.41 9.05
CA PRO B 447 -3.13 -22.80 10.02
C PRO B 447 -3.28 -21.72 11.07
N SER B 448 -4.51 -21.25 11.27
CA SER B 448 -4.71 -20.07 12.11
C SER B 448 -4.29 -20.28 13.56
N TYR B 449 -4.28 -21.54 14.05
CA TYR B 449 -3.91 -21.80 15.44
C TYR B 449 -2.43 -21.73 15.71
N LYS B 450 -1.59 -21.65 14.66
CA LYS B 450 -0.15 -21.73 14.81
C LYS B 450 0.47 -20.36 15.04
N VAL B 451 -0.33 -19.34 15.24
CA VAL B 451 0.17 -18.00 15.45
C VAL B 451 -0.39 -17.46 16.77
N ARG B 452 0.23 -16.39 17.24
CA ARG B 452 -0.05 -15.71 18.50
C ARG B 452 -0.15 -14.22 18.19
N GLU B 453 -1.09 -13.54 18.81
CA GLU B 453 -1.22 -12.12 18.50
C GLU B 453 -0.06 -11.35 19.09
N LYS B 454 0.52 -10.46 18.30
CA LYS B 454 1.66 -9.65 18.74
C LYS B 454 1.13 -8.32 19.27
N ILE B 455 1.14 -8.13 20.58
CA ILE B 455 0.65 -6.89 21.17
C ILE B 455 1.71 -5.80 21.06
N GLU B 456 1.35 -4.68 20.43
CA GLU B 456 2.29 -3.57 20.24
C GLU B 456 1.98 -2.47 21.23
N THR B 457 3.02 -1.91 21.85
CA THR B 457 2.81 -0.81 22.77
C THR B 457 3.53 0.43 22.29
N VAL B 458 3.08 1.56 22.83
CA VAL B 458 3.57 2.89 22.53
C VAL B 458 3.61 3.67 23.84
N LYS B 459 4.68 4.45 24.04
CA LYS B 459 4.82 5.28 25.23
C LYS B 459 3.92 6.51 25.10
N TYR B 460 2.67 6.39 25.57
CA TYR B 460 1.75 7.51 25.62
C TYR B 460 1.96 8.26 26.93
N PRO B 461 1.56 9.53 27.00
CA PRO B 461 1.51 10.22 28.29
C PRO B 461 0.57 9.53 29.25
N THR B 462 0.78 9.78 30.55
CA THR B 462 -0.01 9.13 31.59
C THR B 462 -0.85 10.10 32.39
N TYR B 463 -0.82 11.40 32.06
CA TYR B 463 -1.69 12.39 32.68
C TYR B 463 -1.89 12.15 34.17
N PRO B 464 -0.84 12.25 34.98
CA PRO B 464 -1.00 12.04 36.43
C PRO B 464 -1.98 12.98 37.08
N GLU B 465 -2.26 14.13 36.46
CA GLU B 465 -3.05 15.21 37.07
C GLU B 465 -4.54 14.91 37.19
N ALA B 466 -5.05 13.80 36.68
CA ALA B 466 -6.39 13.43 37.07
C ALA B 466 -6.38 12.36 38.18
N ASN C 2 3.05 -4.65 3.93
CA ASN C 2 3.98 -3.68 3.30
C ASN C 2 4.76 -2.83 4.34
N ASN D 2 -13.88 6.51 -4.42
CA ASN D 2 -13.82 6.16 -3.07
C ASN D 2 -14.62 4.95 -2.74
#